data_4HJW
#
_entry.id   4HJW
#
_cell.length_a   132.984
_cell.length_b   132.984
_cell.length_c   175.367
_cell.angle_alpha   90.00
_cell.angle_beta   90.00
_cell.angle_gamma   120.00
#
_symmetry.space_group_name_H-M   'P 31 1 2'
#
loop_
_entity.id
_entity.type
_entity.pdbx_description
1 polymer 'Uracil-5-carboxylate decarboxylase'
2 non-polymer 'ZINC ION'
3 water water
#
_entity_poly.entity_id   1
_entity_poly.type   'polypeptide(L)'
_entity_poly.pdbx_seq_one_letter_code
;SMATSNPTVVDIHTHMYPPQYIKILESRTTIPLVRKFPQAPEPRLILLEAELGDLEKAINDPSAKPPGRPLTSHFASLDQ
KIHFMDTHRIDISVISLANPWLDFVHASHAGDIAESVNDEFSDMCGKHHGRLFFFGTLPLTAPLETLLASISHLAALKYC
RGVILGTSGLGKGLDDPHLIPIFEALAAANLTIFLHPHYGLPNDVWGPRAGEYGHVLPLALGFPMETTIAVARMYLAGVF
DQVRDLRMVLAHSGGTLPFLAGRIESCIFHDGQLVRQGKVGENRRTVWDVLKEQVYLDAVIYSEVGLKAAIDASGSDRLM
FGTDHPFFPPITTDEQGQWESVSLNAQAVAEAVGEGSAEARAIMGSNAIRVLRLEEKA
;
_entity_poly.pdbx_strand_id   A,B,C
#
loop_
_chem_comp.id
_chem_comp.type
_chem_comp.name
_chem_comp.formula
ZN non-polymer 'ZINC ION' 'Zn 2'
#
# COMPACT_ATOMS: atom_id res chain seq x y z
N SER A 1 -19.90 -39.94 -17.98
CA SER A 1 -20.10 -40.99 -16.95
C SER A 1 -18.80 -41.37 -16.25
N MET A 2 -17.80 -41.83 -17.00
CA MET A 2 -16.44 -41.84 -16.48
C MET A 2 -16.01 -40.39 -16.29
N ALA A 3 -16.42 -39.53 -17.23
CA ALA A 3 -16.23 -38.09 -17.16
C ALA A 3 -16.95 -37.51 -15.94
N THR A 4 -18.09 -38.09 -15.60
CA THR A 4 -18.86 -37.67 -14.44
C THR A 4 -18.29 -38.20 -13.13
N SER A 5 -17.76 -39.42 -13.17
CA SER A 5 -17.15 -40.04 -11.99
C SER A 5 -15.81 -39.40 -11.67
N ASN A 6 -15.19 -38.78 -12.68
CA ASN A 6 -13.90 -38.11 -12.51
C ASN A 6 -13.87 -36.78 -13.26
N PRO A 7 -14.58 -35.78 -12.73
CA PRO A 7 -14.68 -34.47 -13.37
C PRO A 7 -13.36 -33.72 -13.31
N THR A 8 -13.13 -32.85 -14.28
CA THR A 8 -11.94 -32.00 -14.27
C THR A 8 -12.22 -30.78 -13.40
N VAL A 9 -11.37 -30.56 -12.42
CA VAL A 9 -11.54 -29.41 -11.54
C VAL A 9 -10.62 -28.30 -12.03
N VAL A 10 -11.16 -27.10 -12.18
CA VAL A 10 -10.41 -25.97 -12.70
C VAL A 10 -10.41 -24.81 -11.71
N ASP A 11 -9.22 -24.24 -11.49
CA ASP A 11 -9.09 -23.04 -10.69
C ASP A 11 -8.75 -21.88 -11.62
N ILE A 12 -9.62 -20.87 -11.64
CA ILE A 12 -9.44 -19.75 -12.59
C ILE A 12 -8.96 -18.46 -11.95
N HIS A 13 -8.77 -18.47 -10.64
CA HIS A 13 -8.33 -17.27 -9.95
C HIS A 13 -7.07 -17.62 -9.16
N THR A 14 -5.93 -17.58 -9.84
CA THR A 14 -4.63 -17.94 -9.25
C THR A 14 -3.47 -17.15 -9.83
N HIS A 15 -2.57 -16.78 -8.93
CA HIS A 15 -1.55 -15.78 -9.21
C HIS A 15 -0.14 -16.26 -9.07
N MET A 16 0.72 -15.71 -9.92
CA MET A 16 2.17 -15.84 -9.80
C MET A 16 2.87 -14.51 -10.09
N TYR A 17 4.09 -14.39 -9.58
CA TYR A 17 4.99 -13.31 -9.93
C TYR A 17 6.24 -13.99 -10.49
N PRO A 18 6.44 -13.92 -11.82
CA PRO A 18 7.63 -14.50 -12.45
C PRO A 18 8.90 -13.86 -11.89
N PRO A 19 10.04 -14.58 -11.99
CA PRO A 19 11.33 -14.12 -11.44
C PRO A 19 11.69 -12.70 -11.91
N GLN A 20 11.52 -12.46 -13.21
CA GLN A 20 11.79 -11.16 -13.81
C GLN A 20 10.93 -10.05 -13.22
N TYR A 21 9.67 -10.34 -12.96
CA TYR A 21 8.77 -9.34 -12.40
C TYR A 21 9.20 -9.01 -10.97
N ILE A 22 9.63 -10.03 -10.25
CA ILE A 22 10.11 -9.84 -8.89
C ILE A 22 11.32 -8.91 -8.89
N LYS A 23 12.25 -9.16 -9.82
CA LYS A 23 13.42 -8.29 -9.97
C LYS A 23 13.03 -6.82 -10.10
N ILE A 24 12.14 -6.54 -11.05
CA ILE A 24 11.62 -5.19 -11.26
C ILE A 24 11.13 -4.58 -9.94
N LEU A 25 10.42 -5.37 -9.16
CA LEU A 25 9.91 -4.89 -7.88
C LEU A 25 10.99 -4.67 -6.82
N GLU A 26 12.07 -5.46 -6.91
CA GLU A 26 13.15 -5.42 -5.94
C GLU A 26 13.98 -4.13 -5.99
N SER A 27 14.03 -3.50 -7.16
CA SER A 27 14.80 -2.28 -7.34
C SER A 27 13.91 -1.03 -7.24
N ARG A 28 12.76 -1.14 -6.59
CA ARG A 28 11.83 -0.02 -6.55
C ARG A 28 11.73 0.54 -5.14
N THR A 29 11.52 1.85 -5.07
CA THR A 29 11.48 2.56 -3.81
C THR A 29 10.08 3.08 -3.43
N THR A 30 9.11 2.88 -4.31
CA THR A 30 7.73 3.28 -4.06
C THR A 30 6.79 2.17 -4.53
N ILE A 31 5.62 2.06 -3.91
CA ILE A 31 4.63 1.03 -4.26
C ILE A 31 4.53 0.83 -5.77
N PRO A 32 4.59 -0.43 -6.24
CA PRO A 32 4.84 -1.62 -5.42
C PRO A 32 6.33 -1.91 -5.29
N LEU A 33 6.72 -2.65 -4.25
CA LEU A 33 8.14 -3.02 -4.09
C LEU A 33 8.40 -4.28 -3.29
N VAL A 34 9.62 -4.78 -3.44
CA VAL A 34 10.08 -5.92 -2.67
C VAL A 34 11.48 -5.65 -2.15
N ARG A 35 11.66 -5.70 -0.83
CA ARG A 35 12.98 -5.60 -0.22
C ARG A 35 13.04 -6.47 1.02
N LYS A 36 14.26 -6.88 1.39
CA LYS A 36 14.47 -7.77 2.54
C LYS A 36 14.55 -6.97 3.85
N PHE A 37 14.16 -7.62 4.95
CA PHE A 37 14.23 -7.02 6.27
C PHE A 37 14.77 -8.05 7.27
N PRO A 38 15.68 -7.60 8.18
CA PRO A 38 16.34 -8.48 9.16
C PRO A 38 15.35 -9.35 9.96
N GLN A 39 14.25 -8.74 10.38
CA GLN A 39 13.27 -9.35 11.29
C GLN A 39 12.42 -10.50 10.72
N ALA A 40 12.52 -10.78 9.43
CA ALA A 40 11.74 -11.85 8.80
C ALA A 40 12.54 -12.61 7.75
N PRO A 41 12.44 -13.95 7.72
CA PRO A 41 13.20 -14.80 6.79
C PRO A 41 12.93 -14.50 5.31
N GLU A 42 11.67 -14.32 4.94
CA GLU A 42 11.31 -14.03 3.56
C GLU A 42 11.24 -12.52 3.35
N PRO A 43 11.62 -12.04 2.15
CA PRO A 43 11.50 -10.62 1.79
C PRO A 43 10.04 -10.17 1.82
N ARG A 44 9.79 -8.88 1.96
CA ARG A 44 8.40 -8.43 2.07
C ARG A 44 7.86 -7.86 0.74
N LEU A 45 6.66 -8.31 0.37
CA LEU A 45 5.94 -7.76 -0.76
C LEU A 45 5.02 -6.62 -0.30
N ILE A 46 5.28 -5.41 -0.77
CA ILE A 46 4.45 -4.26 -0.39
C ILE A 46 3.64 -3.66 -1.55
N LEU A 47 2.32 -3.90 -1.50
CA LEU A 47 1.40 -3.56 -2.58
C LEU A 47 0.41 -2.47 -2.18
N LEU A 48 -0.10 -2.56 -0.95
CA LEU A 48 -1.20 -1.70 -0.52
C LEU A 48 -0.75 -0.38 0.11
N GLU A 49 -1.57 0.65 -0.06
CA GLU A 49 -1.30 1.97 0.52
C GLU A 49 -1.54 1.91 2.02
N ALA A 50 -2.28 0.89 2.45
CA ALA A 50 -2.55 0.64 3.87
C ALA A 50 -1.30 0.14 4.62
N GLU A 51 -0.34 -0.40 3.87
CA GLU A 51 0.89 -0.97 4.42
C GLU A 51 2.07 0.04 4.48
N LEU A 52 1.80 1.31 4.14
CA LEU A 52 2.84 2.35 4.08
C LEU A 52 3.31 2.91 5.43
N GLY A 53 2.39 3.02 6.38
CA GLY A 53 2.70 3.49 7.72
C GLY A 53 3.60 2.53 8.47
N ASP A 54 3.34 1.23 8.29
CA ASP A 54 4.17 0.16 8.86
C ASP A 54 5.55 0.11 8.20
N LEU A 55 5.60 0.39 6.90
CA LEU A 55 6.84 0.40 6.12
C LEU A 55 7.77 1.52 6.57
N GLU A 56 7.20 2.71 6.75
CA GLU A 56 7.96 3.86 7.21
C GLU A 56 8.57 3.59 8.58
N LYS A 57 7.81 2.88 9.42
CA LYS A 57 8.27 2.52 10.76
C LYS A 57 9.38 1.46 10.72
N ALA A 58 9.21 0.47 9.84
CA ALA A 58 10.16 -0.64 9.76
C ALA A 58 11.57 -0.22 9.32
N ILE A 59 11.65 0.77 8.45
CA ILE A 59 12.94 1.27 7.99
C ILE A 59 13.67 1.95 9.14
N ASN A 60 12.91 2.64 9.98
CA ASN A 60 13.49 3.46 11.05
C ASN A 60 13.70 2.76 12.38
N ASP A 61 12.91 1.73 12.66
CA ASP A 61 12.97 0.99 13.91
C ASP A 61 13.00 -0.52 13.67
N PRO A 62 14.15 -1.17 13.96
CA PRO A 62 14.37 -2.60 13.73
C PRO A 62 13.56 -3.54 14.62
N SER A 63 12.83 -3.00 15.60
CA SER A 63 11.99 -3.83 16.48
C SER A 63 10.51 -3.79 16.06
N ALA A 64 10.18 -2.91 15.12
CA ALA A 64 8.83 -2.80 14.56
C ALA A 64 8.50 -4.02 13.70
N LYS A 65 7.20 -4.25 13.47
CA LYS A 65 6.75 -5.38 12.66
C LYS A 65 7.17 -5.24 11.18
N PRO A 66 7.47 -6.38 10.53
CA PRO A 66 7.79 -6.38 9.09
C PRO A 66 6.54 -6.01 8.26
N PRO A 67 6.62 -4.92 7.48
CA PRO A 67 5.44 -4.42 6.77
C PRO A 67 5.05 -5.32 5.60
N GLY A 68 3.86 -5.10 5.05
CA GLY A 68 3.38 -5.88 3.92
C GLY A 68 3.17 -7.35 4.24
N ARG A 69 3.41 -8.20 3.25
CA ARG A 69 3.20 -9.62 3.41
C ARG A 69 4.43 -10.41 2.96
N PRO A 70 4.60 -11.64 3.48
CA PRO A 70 5.77 -12.42 3.07
C PRO A 70 5.72 -12.72 1.59
N LEU A 71 6.77 -12.39 0.86
CA LEU A 71 6.92 -12.89 -0.49
C LEU A 71 7.46 -14.31 -0.43
N THR A 72 6.55 -15.29 -0.36
CA THR A 72 6.95 -16.68 -0.15
C THR A 72 7.32 -17.37 -1.45
N SER A 73 7.63 -18.65 -1.37
CA SER A 73 7.90 -19.44 -2.58
C SER A 73 6.63 -19.68 -3.38
N HIS A 74 5.49 -19.58 -2.70
CA HIS A 74 4.17 -19.78 -3.32
C HIS A 74 3.91 -18.77 -4.43
N PHE A 75 4.50 -17.59 -4.31
CA PHE A 75 4.33 -16.54 -5.31
C PHE A 75 5.15 -16.80 -6.57
N ALA A 76 6.40 -17.24 -6.40
CA ALA A 76 7.35 -17.28 -7.51
C ALA A 76 7.65 -18.67 -8.06
N SER A 77 7.31 -19.72 -7.31
CA SER A 77 7.64 -21.08 -7.74
C SER A 77 6.51 -21.78 -8.47
N LEU A 78 6.85 -22.40 -9.59
CA LEU A 78 5.89 -23.17 -10.38
C LEU A 78 5.66 -24.53 -9.73
N ASP A 79 6.74 -25.16 -9.24
CA ASP A 79 6.63 -26.43 -8.52
C ASP A 79 5.73 -26.31 -7.30
N GLN A 80 5.77 -25.15 -6.66
CA GLN A 80 4.91 -24.89 -5.52
C GLN A 80 3.45 -24.74 -5.95
N LYS A 81 3.24 -24.21 -7.16
CA LYS A 81 1.89 -24.11 -7.69
C LYS A 81 1.34 -25.51 -7.94
N ILE A 82 2.10 -26.32 -8.67
CA ILE A 82 1.73 -27.72 -8.92
C ILE A 82 1.50 -28.51 -7.62
N HIS A 83 2.28 -28.18 -6.59
CA HIS A 83 2.10 -28.81 -5.28
C HIS A 83 0.76 -28.44 -4.69
N PHE A 84 0.46 -27.13 -4.71
CA PHE A 84 -0.82 -26.62 -4.22
C PHE A 84 -1.98 -27.29 -4.94
N MET A 85 -1.87 -27.41 -6.25
CA MET A 85 -2.90 -28.02 -7.06
C MET A 85 -3.13 -29.48 -6.69
N ASP A 86 -2.04 -30.23 -6.51
CA ASP A 86 -2.14 -31.65 -6.16
C ASP A 86 -2.72 -31.86 -4.74
N THR A 87 -2.34 -31.01 -3.81
CA THR A 87 -2.85 -31.08 -2.44
C THR A 87 -4.35 -30.90 -2.41
N HIS A 88 -4.88 -30.13 -3.35
CA HIS A 88 -6.29 -29.75 -3.34
C HIS A 88 -7.10 -30.31 -4.50
N ARG A 89 -6.55 -31.34 -5.14
CA ARG A 89 -7.21 -32.01 -6.26
C ARG A 89 -7.66 -31.07 -7.37
N ILE A 90 -6.82 -30.08 -7.66
CA ILE A 90 -7.05 -29.16 -8.76
C ILE A 90 -6.32 -29.64 -10.02
N ASP A 91 -7.08 -29.90 -11.08
CA ASP A 91 -6.52 -30.43 -12.32
C ASP A 91 -5.92 -29.37 -13.25
N ILE A 92 -6.58 -28.21 -13.32
CA ILE A 92 -6.12 -27.15 -14.21
C ILE A 92 -6.21 -25.80 -13.50
N SER A 93 -5.09 -25.07 -13.47
CA SER A 93 -5.12 -23.69 -13.01
C SER A 93 -4.99 -22.72 -14.19
N VAL A 94 -5.85 -21.73 -14.23
CA VAL A 94 -5.64 -20.65 -15.18
C VAL A 94 -4.97 -19.54 -14.39
N ILE A 95 -3.65 -19.48 -14.52
CA ILE A 95 -2.82 -18.54 -13.73
C ILE A 95 -2.76 -17.14 -14.35
N SER A 96 -2.37 -16.16 -13.55
CA SER A 96 -2.37 -14.78 -13.99
C SER A 96 -1.40 -13.97 -13.16
N LEU A 97 -0.79 -12.95 -13.77
CA LEU A 97 0.03 -12.02 -13.02
C LEU A 97 -0.85 -11.40 -11.94
N ALA A 98 -0.30 -11.20 -10.76
CA ALA A 98 -1.07 -10.58 -9.67
C ALA A 98 -0.98 -9.07 -9.80
N ASN A 99 -1.91 -8.39 -9.15
CA ASN A 99 -1.81 -6.95 -8.98
C ASN A 99 -0.43 -6.56 -8.43
N PRO A 100 0.08 -5.37 -8.83
CA PRO A 100 -0.57 -4.42 -9.73
C PRO A 100 -0.14 -4.55 -11.18
N TRP A 101 0.16 -5.77 -11.64
CA TRP A 101 0.49 -5.98 -13.05
C TRP A 101 1.55 -4.98 -13.49
N LEU A 102 1.33 -4.31 -14.62
CA LEU A 102 2.30 -3.36 -15.15
C LEU A 102 1.82 -1.91 -15.04
N ASP A 103 0.92 -1.64 -14.10
CA ASP A 103 0.31 -0.31 -13.96
C ASP A 103 1.30 0.79 -13.63
N PHE A 104 2.46 0.41 -13.11
CA PHE A 104 3.46 1.37 -12.61
C PHE A 104 4.58 1.63 -13.64
N VAL A 105 4.67 0.77 -14.65
CA VAL A 105 5.75 0.83 -15.65
C VAL A 105 5.68 2.07 -16.54
N HIS A 106 6.83 2.56 -16.99
CA HIS A 106 6.90 3.66 -17.96
C HIS A 106 6.38 3.24 -19.30
N ALA A 107 5.68 4.18 -19.95
CA ALA A 107 5.07 3.96 -21.27
C ALA A 107 6.04 3.38 -22.29
N SER A 108 7.29 3.84 -22.23
CA SER A 108 8.31 3.44 -23.21
C SER A 108 8.91 2.04 -23.05
N HIS A 109 8.90 1.47 -21.83
CA HIS A 109 9.29 0.05 -21.72
C HIS A 109 8.18 -0.92 -21.40
N ALA A 110 6.97 -0.40 -21.21
CA ALA A 110 5.83 -1.26 -20.88
C ALA A 110 5.65 -2.41 -21.86
N GLY A 111 5.70 -2.12 -23.16
CA GLY A 111 5.50 -3.15 -24.19
C GLY A 111 6.52 -4.26 -24.21
N ASP A 112 7.78 -3.89 -24.01
CA ASP A 112 8.87 -4.87 -23.96
C ASP A 112 8.76 -5.74 -22.71
N ILE A 113 8.46 -5.10 -21.58
CA ILE A 113 8.25 -5.83 -20.34
C ILE A 113 7.07 -6.81 -20.45
N ALA A 114 5.95 -6.30 -20.95
CA ALA A 114 4.74 -7.08 -21.13
C ALA A 114 5.02 -8.31 -21.96
N GLU A 115 5.66 -8.11 -23.10
CA GLU A 115 5.98 -9.21 -24.00
C GLU A 115 6.80 -10.28 -23.25
N SER A 116 7.76 -9.81 -22.47
CA SER A 116 8.65 -10.70 -21.73
C SER A 116 7.89 -11.55 -20.67
N VAL A 117 7.10 -10.87 -19.83
CA VAL A 117 6.23 -11.54 -18.85
C VAL A 117 5.24 -12.54 -19.47
N ASN A 118 4.51 -12.10 -20.50
CA ASN A 118 3.54 -12.98 -21.17
C ASN A 118 4.21 -14.21 -21.76
N ASP A 119 5.37 -14.00 -22.39
CA ASP A 119 6.14 -15.12 -22.92
C ASP A 119 6.57 -16.09 -21.82
N GLU A 120 6.90 -15.53 -20.65
CA GLU A 120 7.35 -16.36 -19.54
C GLU A 120 6.21 -17.25 -19.01
N PHE A 121 5.03 -16.66 -18.78
CA PHE A 121 3.82 -17.42 -18.45
C PHE A 121 3.57 -18.54 -19.46
N SER A 122 3.61 -18.21 -20.75
CA SER A 122 3.43 -19.21 -21.80
C SER A 122 4.44 -20.35 -21.66
N ASP A 123 5.65 -20.01 -21.24
CA ASP A 123 6.70 -21.00 -21.08
C ASP A 123 6.41 -21.92 -19.89
N MET A 124 6.03 -21.31 -18.76
CA MET A 124 5.59 -22.07 -17.58
C MET A 124 4.47 -23.05 -17.91
N CYS A 125 3.42 -22.53 -18.54
CA CYS A 125 2.27 -23.36 -18.86
C CYS A 125 2.76 -24.54 -19.69
N GLY A 126 3.70 -24.25 -20.60
CA GLY A 126 4.32 -25.29 -21.41
C GLY A 126 5.01 -26.36 -20.60
N LYS A 127 5.46 -26.01 -19.40
CA LYS A 127 6.22 -26.95 -18.59
C LYS A 127 5.40 -28.13 -18.02
N HIS A 128 4.13 -27.89 -17.70
CA HIS A 128 3.20 -28.98 -17.30
C HIS A 128 2.00 -29.04 -18.24
N HIS A 129 2.22 -29.55 -19.45
CA HIS A 129 1.21 -29.50 -20.50
C HIS A 129 -0.12 -30.08 -20.10
N GLY A 130 -1.17 -29.28 -20.26
CA GLY A 130 -2.53 -29.72 -19.98
C GLY A 130 -3.09 -29.20 -18.67
N ARG A 131 -2.24 -28.80 -17.75
CA ARG A 131 -2.69 -28.40 -16.41
C ARG A 131 -2.57 -26.91 -16.21
N LEU A 132 -2.02 -26.21 -17.19
CA LEU A 132 -1.74 -24.78 -17.04
C LEU A 132 -2.12 -23.93 -18.25
N PHE A 133 -2.93 -22.90 -17.98
CA PHE A 133 -3.27 -21.86 -18.95
C PHE A 133 -3.13 -20.56 -18.21
N PHE A 134 -3.13 -19.44 -18.92
CA PHE A 134 -2.99 -18.17 -18.24
C PHE A 134 -3.77 -17.03 -18.85
N PHE A 135 -4.07 -16.05 -18.01
CA PHE A 135 -4.52 -14.74 -18.44
C PHE A 135 -3.28 -13.86 -18.55
N GLY A 136 -3.09 -13.25 -19.72
CA GLY A 136 -1.94 -12.41 -19.96
C GLY A 136 -2.14 -11.03 -19.37
N THR A 137 -1.09 -10.22 -19.40
CA THR A 137 -1.20 -8.87 -18.88
C THR A 137 -0.85 -7.85 -19.97
N LEU A 138 -1.46 -6.68 -19.87
CA LEU A 138 -1.38 -5.68 -20.93
C LEU A 138 -0.59 -4.46 -20.50
N PRO A 139 0.20 -3.90 -21.42
CA PRO A 139 0.95 -2.65 -21.25
C PRO A 139 0.04 -1.43 -21.25
N LEU A 140 -0.80 -1.32 -20.23
CA LEU A 140 -1.84 -0.29 -20.19
C LEU A 140 -1.31 1.13 -19.99
N THR A 141 0.00 1.30 -19.98
CA THR A 141 0.60 2.63 -19.88
C THR A 141 1.14 3.06 -21.25
N ALA A 142 1.53 2.05 -22.05
CA ALA A 142 1.98 2.24 -23.43
C ALA A 142 0.93 2.94 -24.31
N PRO A 143 1.37 3.51 -25.45
CA PRO A 143 0.39 4.07 -26.38
C PRO A 143 -0.41 2.99 -27.11
N LEU A 144 -1.60 3.39 -27.55
CA LEU A 144 -2.57 2.52 -28.23
C LEU A 144 -1.98 1.50 -29.22
N GLU A 145 -1.07 1.93 -30.08
CA GLU A 145 -0.48 1.02 -31.07
C GLU A 145 0.26 -0.14 -30.39
N THR A 146 0.91 0.16 -29.26
CA THR A 146 1.65 -0.84 -28.51
C THR A 146 0.69 -1.84 -27.86
N LEU A 147 -0.35 -1.32 -27.22
CA LEU A 147 -1.47 -2.14 -26.74
C LEU A 147 -1.95 -3.15 -27.77
N LEU A 148 -2.34 -2.65 -28.94
CA LEU A 148 -2.87 -3.50 -30.01
C LEU A 148 -1.85 -4.56 -30.43
N ALA A 149 -0.58 -4.20 -30.39
CA ALA A 149 0.47 -5.16 -30.71
C ALA A 149 0.49 -6.28 -29.68
N SER A 150 0.40 -5.89 -28.40
CA SER A 150 0.33 -6.83 -27.29
C SER A 150 -0.86 -7.78 -27.41
N ILE A 151 -2.05 -7.19 -27.60
CA ILE A 151 -3.28 -7.95 -27.87
C ILE A 151 -3.08 -8.94 -29.02
N SER A 152 -2.48 -8.47 -30.10
CA SER A 152 -2.21 -9.33 -31.25
C SER A 152 -1.30 -10.49 -30.85
N HIS A 153 -0.30 -10.18 -30.03
CA HIS A 153 0.63 -11.20 -29.54
C HIS A 153 -0.06 -12.25 -28.68
N LEU A 154 -0.83 -11.79 -27.69
CA LEU A 154 -1.60 -12.67 -26.79
C LEU A 154 -2.56 -13.59 -27.53
N ALA A 155 -3.30 -13.02 -28.48
CA ALA A 155 -4.20 -13.80 -29.34
C ALA A 155 -3.54 -15.03 -29.94
N ALA A 156 -2.24 -14.93 -30.24
CA ALA A 156 -1.50 -16.01 -30.89
C ALA A 156 -0.72 -16.89 -29.90
N LEU A 157 -0.49 -16.34 -28.70
CA LEU A 157 0.34 -16.97 -27.68
C LEU A 157 -0.19 -18.29 -27.13
N LYS A 158 0.62 -19.35 -27.24
CA LYS A 158 0.29 -20.66 -26.66
C LYS A 158 -0.13 -20.56 -25.19
N TYR A 159 -1.22 -21.26 -24.86
CA TYR A 159 -1.77 -21.36 -23.50
C TYR A 159 -2.43 -20.08 -22.97
N CYS A 160 -2.58 -19.06 -23.79
CA CYS A 160 -3.22 -17.83 -23.34
C CYS A 160 -4.70 -17.89 -23.64
N ARG A 161 -5.52 -17.48 -22.67
CA ARG A 161 -6.98 -17.55 -22.82
C ARG A 161 -7.68 -16.28 -22.38
N GLY A 162 -6.94 -15.19 -22.31
CA GLY A 162 -7.56 -13.92 -21.95
C GLY A 162 -6.54 -12.99 -21.36
N VAL A 163 -7.02 -11.90 -20.80
CA VAL A 163 -6.14 -10.98 -20.13
C VAL A 163 -6.74 -10.67 -18.77
N ILE A 164 -5.87 -10.35 -17.82
CA ILE A 164 -6.30 -9.85 -16.53
C ILE A 164 -6.04 -8.34 -16.54
N LEU A 165 -7.00 -7.56 -16.11
CA LEU A 165 -6.77 -6.13 -15.94
C LEU A 165 -7.43 -5.56 -14.70
N GLY A 166 -6.86 -4.46 -14.23
CA GLY A 166 -7.32 -3.83 -13.00
C GLY A 166 -8.43 -2.85 -13.29
N THR A 167 -8.91 -2.20 -12.24
CA THR A 167 -10.10 -1.39 -12.36
C THR A 167 -9.84 0.05 -12.77
N SER A 168 -8.60 0.38 -13.12
CA SER A 168 -8.28 1.77 -13.42
C SER A 168 -7.92 1.95 -14.88
N GLY A 169 -7.76 0.82 -15.57
CA GLY A 169 -7.64 0.82 -17.02
C GLY A 169 -6.43 1.56 -17.54
N LEU A 170 -6.63 2.84 -17.87
CA LEU A 170 -5.55 3.66 -18.37
C LEU A 170 -5.25 4.78 -17.39
N GLY A 171 -5.83 4.68 -16.20
CA GLY A 171 -5.67 5.69 -15.16
C GLY A 171 -6.97 6.37 -14.79
N LYS A 172 -7.87 6.49 -15.77
CA LYS A 172 -9.12 7.22 -15.56
C LYS A 172 -10.35 6.33 -15.33
N GLY A 173 -10.15 5.01 -15.31
CA GLY A 173 -11.26 4.11 -15.02
C GLY A 173 -11.74 3.34 -16.24
N LEU A 174 -12.77 2.52 -16.04
CA LEU A 174 -13.27 1.64 -17.11
C LEU A 174 -14.32 2.30 -18.02
N ASP A 175 -14.88 3.41 -17.56
CA ASP A 175 -15.77 4.21 -18.39
C ASP A 175 -15.02 5.31 -19.16
N ASP A 176 -13.70 5.13 -19.30
CA ASP A 176 -12.90 6.04 -20.09
C ASP A 176 -13.02 5.64 -21.57
N PRO A 177 -13.56 6.56 -22.39
CA PRO A 177 -13.79 6.29 -23.83
C PRO A 177 -12.57 5.77 -24.58
N HIS A 178 -11.36 6.06 -24.09
CA HIS A 178 -10.16 5.59 -24.75
C HIS A 178 -9.96 4.10 -24.60
N LEU A 179 -10.75 3.46 -23.74
CA LEU A 179 -10.65 2.02 -23.58
C LEU A 179 -11.40 1.26 -24.67
N ILE A 180 -12.43 1.90 -25.22
CA ILE A 180 -13.22 1.28 -26.27
C ILE A 180 -12.42 0.53 -27.34
N PRO A 181 -11.46 1.20 -28.02
CA PRO A 181 -10.78 0.42 -29.07
C PRO A 181 -10.01 -0.79 -28.51
N ILE A 182 -9.62 -0.71 -27.24
CA ILE A 182 -8.94 -1.84 -26.59
C ILE A 182 -9.94 -2.98 -26.30
N PHE A 183 -11.04 -2.63 -25.65
CA PHE A 183 -12.16 -3.57 -25.49
C PHE A 183 -12.53 -4.25 -26.82
N GLU A 184 -12.75 -3.46 -27.87
CA GLU A 184 -13.12 -4.04 -29.18
C GLU A 184 -12.07 -5.02 -29.69
N ALA A 185 -10.80 -4.69 -29.48
CA ALA A 185 -9.69 -5.52 -29.94
C ALA A 185 -9.64 -6.86 -29.18
N LEU A 186 -9.86 -6.78 -27.87
CA LEU A 186 -9.94 -7.98 -27.02
C LEU A 186 -11.13 -8.85 -27.45
N ALA A 187 -12.26 -8.18 -27.69
CA ALA A 187 -13.50 -8.85 -28.09
C ALA A 187 -13.26 -9.62 -29.38
N ALA A 188 -12.75 -8.92 -30.38
CA ALA A 188 -12.50 -9.52 -31.68
C ALA A 188 -11.49 -10.66 -31.62
N ALA A 189 -10.59 -10.60 -30.64
CA ALA A 189 -9.56 -11.64 -30.52
C ALA A 189 -10.01 -12.80 -29.65
N ASN A 190 -11.21 -12.69 -29.06
CA ASN A 190 -11.75 -13.66 -28.09
C ASN A 190 -10.91 -13.76 -26.85
N LEU A 191 -10.41 -12.62 -26.40
CA LEU A 191 -9.68 -12.59 -25.15
C LEU A 191 -10.63 -12.18 -24.04
N THR A 192 -11.05 -13.16 -23.25
CA THR A 192 -11.87 -12.91 -22.07
C THR A 192 -11.10 -12.09 -21.05
N ILE A 193 -11.73 -11.04 -20.55
CA ILE A 193 -11.14 -10.19 -19.53
C ILE A 193 -11.43 -10.73 -18.14
N PHE A 194 -10.41 -10.76 -17.30
CA PHE A 194 -10.59 -11.07 -15.90
C PHE A 194 -10.39 -9.76 -15.12
N LEU A 195 -11.49 -9.20 -14.62
CA LEU A 195 -11.45 -7.92 -13.92
C LEU A 195 -11.11 -8.15 -12.46
N HIS A 196 -10.02 -7.55 -12.01
CA HIS A 196 -9.50 -7.80 -10.67
C HIS A 196 -9.22 -6.50 -9.92
N PRO A 197 -9.57 -6.42 -8.63
CA PRO A 197 -9.29 -5.19 -7.88
C PRO A 197 -7.80 -5.03 -7.49
N HIS A 198 -7.47 -3.87 -6.91
CA HIS A 198 -6.12 -3.58 -6.40
C HIS A 198 -6.09 -2.34 -5.55
N TYR A 199 -6.69 -1.27 -6.04
CA TYR A 199 -6.54 0.03 -5.43
C TYR A 199 -7.46 0.22 -4.24
N GLY A 200 -8.37 -0.73 -4.04
CA GLY A 200 -9.35 -0.68 -2.96
C GLY A 200 -10.06 0.67 -2.90
N LEU A 201 -10.32 1.13 -1.69
CA LEU A 201 -10.92 2.44 -1.48
C LEU A 201 -9.88 3.39 -0.87
N PRO A 202 -10.16 4.70 -0.86
CA PRO A 202 -9.27 5.63 -0.17
C PRO A 202 -9.09 5.19 1.27
N ASN A 203 -7.82 5.00 1.65
CA ASN A 203 -7.48 4.48 2.96
C ASN A 203 -8.11 5.26 4.12
N ASP A 204 -8.55 6.47 3.83
CA ASP A 204 -9.23 7.31 4.81
C ASP A 204 -10.52 6.70 5.36
N VAL A 205 -11.22 5.90 4.55
CA VAL A 205 -12.57 5.44 4.92
C VAL A 205 -12.59 4.41 6.04
N TRP A 206 -11.45 3.79 6.30
CA TRP A 206 -11.36 2.77 7.34
C TRP A 206 -11.30 3.41 8.72
N GLY A 207 -11.04 4.71 8.74
CA GLY A 207 -11.03 5.46 9.99
C GLY A 207 -9.71 5.43 10.75
N PRO A 208 -9.72 5.98 11.97
CA PRO A 208 -8.54 6.14 12.83
C PRO A 208 -8.03 4.84 13.49
N ARG A 209 -8.92 3.88 13.76
CA ARG A 209 -8.52 2.62 14.42
C ARG A 209 -8.04 1.54 13.44
N ALA A 210 -8.03 1.86 12.14
CA ALA A 210 -7.76 0.87 11.09
C ALA A 210 -6.58 -0.09 11.36
N GLY A 211 -5.53 0.42 12.01
CA GLY A 211 -4.32 -0.35 12.33
C GLY A 211 -4.57 -1.54 13.25
N GLU A 212 -5.61 -1.44 14.07
CA GLU A 212 -6.02 -2.54 14.95
C GLU A 212 -6.71 -3.68 14.21
N TYR A 213 -7.04 -3.48 12.95
CA TYR A 213 -7.90 -4.44 12.25
C TYR A 213 -7.12 -5.25 11.23
N GLY A 214 -5.80 -5.22 11.33
CA GLY A 214 -4.97 -5.93 10.36
C GLY A 214 -5.30 -5.50 8.95
N HIS A 215 -5.23 -6.44 8.00
CA HIS A 215 -5.61 -6.16 6.62
C HIS A 215 -7.06 -6.43 6.30
N VAL A 216 -7.89 -6.64 7.32
CA VAL A 216 -9.27 -7.06 7.09
C VAL A 216 -10.08 -6.07 6.28
N LEU A 217 -10.11 -4.79 6.68
CA LEU A 217 -10.93 -3.83 5.95
C LEU A 217 -10.57 -3.64 4.47
N PRO A 218 -9.28 -3.45 4.15
CA PRO A 218 -8.94 -3.27 2.72
C PRO A 218 -9.15 -4.51 1.87
N LEU A 219 -9.08 -5.70 2.46
CA LEU A 219 -9.18 -6.93 1.69
C LEU A 219 -10.60 -7.49 1.65
N ALA A 220 -11.30 -7.43 2.78
CA ALA A 220 -12.66 -7.97 2.88
C ALA A 220 -13.70 -7.04 2.28
N LEU A 221 -13.53 -5.73 2.44
CA LEU A 221 -14.50 -4.75 1.94
C LEU A 221 -13.97 -3.95 0.77
N GLY A 222 -12.79 -3.37 0.95
CA GLY A 222 -12.15 -2.54 -0.06
C GLY A 222 -12.08 -3.14 -1.45
N PHE A 223 -11.48 -4.31 -1.57
CA PHE A 223 -11.35 -4.99 -2.86
C PHE A 223 -12.71 -5.23 -3.59
N PRO A 224 -13.64 -5.98 -2.95
CA PRO A 224 -14.90 -6.24 -3.67
C PRO A 224 -15.67 -4.96 -4.03
N MET A 225 -15.58 -3.94 -3.18
CA MET A 225 -16.23 -2.67 -3.48
C MET A 225 -15.61 -1.94 -4.67
N GLU A 226 -14.29 -1.88 -4.73
CA GLU A 226 -13.60 -1.34 -5.89
C GLU A 226 -14.12 -2.02 -7.17
N THR A 227 -14.28 -3.34 -7.09
CA THR A 227 -14.77 -4.10 -8.25
C THR A 227 -16.20 -3.68 -8.63
N THR A 228 -17.09 -3.65 -7.65
CA THR A 228 -18.45 -3.21 -7.86
C THR A 228 -18.46 -1.84 -8.55
N ILE A 229 -17.80 -0.84 -7.96
CA ILE A 229 -17.73 0.50 -8.54
C ILE A 229 -17.23 0.52 -10.00
N ALA A 230 -16.15 -0.22 -10.28
CA ALA A 230 -15.63 -0.29 -11.64
C ALA A 230 -16.68 -0.83 -12.62
N VAL A 231 -17.28 -1.97 -12.30
CA VAL A 231 -18.27 -2.55 -13.20
C VAL A 231 -19.50 -1.65 -13.34
N ALA A 232 -19.95 -1.05 -12.23
CA ALA A 232 -21.12 -0.17 -12.29
C ALA A 232 -20.87 1.01 -13.22
N ARG A 233 -19.68 1.59 -13.13
CA ARG A 233 -19.30 2.70 -13.99
C ARG A 233 -19.26 2.27 -15.46
N MET A 234 -18.66 1.11 -15.70
CA MET A 234 -18.58 0.54 -17.03
C MET A 234 -19.98 0.26 -17.62
N TYR A 235 -20.91 -0.14 -16.76
CA TYR A 235 -22.26 -0.47 -17.20
C TYR A 235 -23.04 0.80 -17.55
N LEU A 236 -22.98 1.78 -16.66
CA LEU A 236 -23.71 3.05 -16.84
C LEU A 236 -23.23 3.91 -18.01
N ALA A 237 -22.03 3.64 -18.50
CA ALA A 237 -21.46 4.40 -19.61
C ALA A 237 -21.74 3.71 -20.93
N GLY A 238 -22.46 2.59 -20.86
CA GLY A 238 -22.90 1.88 -22.06
C GLY A 238 -21.87 0.96 -22.68
N VAL A 239 -20.77 0.73 -21.97
CA VAL A 239 -19.68 -0.04 -22.54
C VAL A 239 -20.15 -1.39 -23.02
N PHE A 240 -20.99 -2.05 -22.22
CA PHE A 240 -21.46 -3.40 -22.55
C PHE A 240 -22.31 -3.44 -23.82
N ASP A 241 -23.13 -2.40 -23.99
CA ASP A 241 -23.94 -2.24 -25.20
C ASP A 241 -23.11 -1.91 -26.42
N GLN A 242 -22.05 -1.14 -26.21
CA GLN A 242 -21.19 -0.68 -27.30
C GLN A 242 -20.23 -1.77 -27.79
N VAL A 243 -19.83 -2.67 -26.90
CA VAL A 243 -18.95 -3.78 -27.28
C VAL A 243 -19.63 -5.11 -26.94
N ARG A 244 -20.62 -5.49 -27.73
CA ARG A 244 -21.44 -6.65 -27.43
C ARG A 244 -20.66 -7.97 -27.36
N ASP A 245 -19.57 -8.07 -28.10
CA ASP A 245 -18.76 -9.29 -28.07
C ASP A 245 -17.83 -9.42 -26.85
N LEU A 246 -17.80 -8.38 -26.01
CA LEU A 246 -16.97 -8.37 -24.80
C LEU A 246 -17.39 -9.44 -23.78
N ARG A 247 -16.41 -10.17 -23.24
CA ARG A 247 -16.66 -11.13 -22.17
C ARG A 247 -15.73 -10.88 -20.98
N MET A 248 -16.32 -10.62 -19.80
CA MET A 248 -15.55 -10.38 -18.59
C MET A 248 -15.90 -11.39 -17.50
N VAL A 249 -14.88 -11.97 -16.87
CA VAL A 249 -15.05 -12.65 -15.60
C VAL A 249 -14.77 -11.66 -14.47
N LEU A 250 -15.68 -11.54 -13.51
CA LEU A 250 -15.47 -10.67 -12.34
C LEU A 250 -14.87 -11.42 -11.14
N ALA A 251 -13.92 -10.79 -10.48
CA ALA A 251 -13.29 -11.36 -9.30
C ALA A 251 -14.20 -11.27 -8.08
N HIS A 252 -14.09 -12.28 -7.21
CA HIS A 252 -14.87 -12.32 -5.96
C HIS A 252 -16.37 -12.18 -6.18
N SER A 253 -16.90 -12.96 -7.14
CA SER A 253 -18.32 -12.95 -7.51
C SER A 253 -18.89 -11.55 -7.81
N GLY A 254 -18.08 -10.72 -8.49
CA GLY A 254 -18.50 -9.37 -8.83
C GLY A 254 -18.49 -8.43 -7.65
N GLY A 255 -17.76 -8.80 -6.62
CA GLY A 255 -17.59 -7.93 -5.48
C GLY A 255 -18.80 -7.92 -4.59
N THR A 256 -19.78 -7.07 -4.91
CA THR A 256 -21.05 -7.06 -4.19
C THR A 256 -22.15 -6.92 -5.21
N LEU A 257 -21.78 -6.97 -6.49
CA LEU A 257 -22.71 -6.73 -7.59
C LEU A 257 -24.06 -7.47 -7.55
N PRO A 258 -24.04 -8.82 -7.35
CA PRO A 258 -25.32 -9.56 -7.28
C PRO A 258 -26.23 -9.08 -6.16
N PHE A 259 -25.66 -8.71 -5.01
CA PHE A 259 -26.48 -8.21 -3.93
C PHE A 259 -27.05 -6.80 -4.22
N LEU A 260 -26.41 -6.05 -5.12
CA LEU A 260 -26.82 -4.66 -5.37
C LEU A 260 -27.52 -4.41 -6.71
N ALA A 261 -27.54 -5.42 -7.59
CA ALA A 261 -28.10 -5.25 -8.93
C ALA A 261 -29.52 -4.66 -8.89
N GLY A 262 -30.34 -5.19 -7.97
CA GLY A 262 -31.69 -4.67 -7.79
C GLY A 262 -31.69 -3.20 -7.50
N ARG A 263 -30.86 -2.79 -6.53
CA ARG A 263 -30.80 -1.41 -6.10
C ARG A 263 -30.39 -0.49 -7.24
N ILE A 264 -29.35 -0.88 -7.97
CA ILE A 264 -28.88 -0.12 -9.12
C ILE A 264 -30.02 0.11 -10.11
N GLU A 265 -30.73 -0.97 -10.43
CA GLU A 265 -31.87 -0.91 -11.36
C GLU A 265 -32.97 0.05 -10.91
N SER A 266 -33.40 -0.07 -9.65
CA SER A 266 -34.40 0.84 -9.13
C SER A 266 -33.92 2.29 -9.16
N CYS A 267 -32.61 2.48 -8.95
CA CYS A 267 -32.04 3.83 -8.88
C CYS A 267 -31.98 4.47 -10.24
N ILE A 268 -31.63 3.67 -11.24
CA ILE A 268 -31.70 4.12 -12.63
C ILE A 268 -33.14 4.50 -12.97
N PHE A 269 -34.06 3.60 -12.71
CA PHE A 269 -35.45 3.85 -13.05
C PHE A 269 -35.99 5.15 -12.44
N HIS A 270 -35.47 5.52 -11.27
CA HIS A 270 -36.07 6.60 -10.49
C HIS A 270 -35.25 7.88 -10.54
N ASP A 271 -34.21 7.88 -11.36
CA ASP A 271 -33.30 9.01 -11.42
C ASP A 271 -33.89 10.15 -12.25
N GLY A 272 -34.12 11.29 -11.60
CA GLY A 272 -34.63 12.47 -12.27
C GLY A 272 -33.88 12.83 -13.54
N GLN A 273 -32.56 12.89 -13.47
CA GLN A 273 -31.75 13.23 -14.63
C GLN A 273 -31.86 12.18 -15.75
N LEU A 274 -31.69 10.91 -15.41
CA LEU A 274 -31.72 9.85 -16.42
C LEU A 274 -33.08 9.72 -17.11
N VAL A 275 -34.16 9.92 -16.36
CA VAL A 275 -35.48 9.92 -16.96
C VAL A 275 -35.65 11.11 -17.90
N ARG A 276 -35.31 12.30 -17.39
CA ARG A 276 -35.40 13.51 -18.19
C ARG A 276 -34.57 13.40 -19.47
N GLN A 277 -33.43 12.72 -19.39
CA GLN A 277 -32.52 12.57 -20.54
C GLN A 277 -32.94 11.44 -21.47
N GLY A 278 -34.07 10.81 -21.17
CA GLY A 278 -34.59 9.70 -21.95
C GLY A 278 -33.70 8.47 -22.02
N LYS A 279 -33.11 8.10 -20.88
CA LYS A 279 -32.25 6.91 -20.84
C LYS A 279 -32.93 5.69 -20.19
N VAL A 280 -34.01 5.95 -19.46
CA VAL A 280 -34.86 4.92 -18.92
C VAL A 280 -35.86 4.47 -19.98
N GLY A 281 -36.22 3.19 -19.97
CA GLY A 281 -37.19 2.65 -20.91
C GLY A 281 -36.99 1.16 -21.08
N GLU A 282 -37.98 0.49 -21.64
CA GLU A 282 -37.96 -0.97 -21.63
C GLU A 282 -37.20 -1.69 -22.74
N ASN A 283 -36.42 -0.97 -23.53
CA ASN A 283 -35.43 -1.65 -24.38
C ASN A 283 -34.00 -1.44 -23.89
N ARG A 284 -33.86 -0.91 -22.67
CA ARG A 284 -32.58 -0.75 -22.01
C ARG A 284 -32.08 -2.13 -21.57
N ARG A 285 -30.89 -2.53 -22.02
CA ARG A 285 -30.23 -3.73 -21.49
C ARG A 285 -29.82 -3.54 -20.02
N THR A 286 -30.38 -4.36 -19.14
CA THR A 286 -30.27 -4.17 -17.70
C THR A 286 -28.98 -4.78 -17.13
N VAL A 287 -28.74 -4.53 -15.84
CA VAL A 287 -27.61 -5.17 -15.15
C VAL A 287 -27.79 -6.68 -15.27
N TRP A 288 -28.98 -7.16 -14.92
CA TRP A 288 -29.38 -8.55 -15.08
C TRP A 288 -29.05 -9.14 -16.45
N ASP A 289 -29.33 -8.37 -17.51
CA ASP A 289 -29.06 -8.84 -18.86
C ASP A 289 -27.57 -9.05 -19.07
N VAL A 290 -26.80 -8.04 -18.65
CA VAL A 290 -25.35 -8.08 -18.73
C VAL A 290 -24.79 -9.28 -17.95
N LEU A 291 -25.33 -9.50 -16.74
CA LEU A 291 -24.91 -10.65 -15.93
C LEU A 291 -25.24 -12.01 -16.54
N LYS A 292 -26.16 -12.05 -17.49
CA LYS A 292 -26.49 -13.32 -18.12
C LYS A 292 -25.92 -13.47 -19.52
N GLU A 293 -25.40 -12.39 -20.09
CA GLU A 293 -24.93 -12.45 -21.48
C GLU A 293 -23.44 -12.16 -21.71
N GLN A 294 -22.87 -11.25 -20.92
CA GLN A 294 -21.52 -10.77 -21.19
C GLN A 294 -20.54 -11.05 -20.05
N VAL A 295 -21.06 -11.01 -18.83
CA VAL A 295 -20.27 -11.08 -17.61
C VAL A 295 -20.36 -12.46 -16.97
N TYR A 296 -19.22 -12.99 -16.53
CA TYR A 296 -19.16 -14.24 -15.77
C TYR A 296 -18.69 -13.91 -14.36
N LEU A 297 -18.80 -14.85 -13.43
CA LEU A 297 -18.48 -14.58 -12.03
C LEU A 297 -17.63 -15.70 -11.46
N ASP A 298 -16.53 -15.35 -10.78
CA ASP A 298 -15.82 -16.39 -10.07
C ASP A 298 -16.56 -16.70 -8.75
N ALA A 299 -16.24 -17.85 -8.17
CA ALA A 299 -16.96 -18.33 -7.00
C ALA A 299 -16.19 -18.09 -5.72
N VAL A 300 -15.25 -17.15 -5.75
CA VAL A 300 -14.42 -16.85 -4.57
C VAL A 300 -15.19 -15.91 -3.62
N ILE A 301 -16.10 -16.50 -2.86
CA ILE A 301 -17.04 -15.71 -2.07
C ILE A 301 -17.15 -16.26 -0.64
N TYR A 302 -16.50 -17.40 -0.39
CA TYR A 302 -16.30 -17.98 0.96
C TYR A 302 -17.57 -18.45 1.68
N SER A 303 -18.72 -18.28 1.07
CA SER A 303 -19.98 -18.66 1.72
C SER A 303 -21.09 -19.00 0.74
N GLU A 304 -21.95 -19.92 1.15
CA GLU A 304 -23.07 -20.31 0.32
C GLU A 304 -24.07 -19.17 0.22
N VAL A 305 -24.14 -18.32 1.24
CA VAL A 305 -25.08 -17.19 1.22
C VAL A 305 -24.85 -16.32 -0.02
N GLY A 306 -23.64 -15.79 -0.11
CA GLY A 306 -23.23 -15.03 -1.26
C GLY A 306 -23.23 -15.85 -2.55
N LEU A 307 -22.73 -17.07 -2.50
CA LEU A 307 -22.65 -17.88 -3.73
C LEU A 307 -24.02 -18.13 -4.34
N LYS A 308 -25.02 -18.37 -3.50
CA LYS A 308 -26.38 -18.56 -3.96
C LYS A 308 -26.90 -17.29 -4.59
N ALA A 309 -26.53 -16.14 -4.01
CA ALA A 309 -26.91 -14.87 -4.63
C ALA A 309 -26.27 -14.71 -6.00
N ALA A 310 -24.99 -15.10 -6.13
CA ALA A 310 -24.30 -15.02 -7.41
C ALA A 310 -24.94 -15.93 -8.46
N ILE A 311 -25.18 -17.20 -8.11
CA ILE A 311 -25.91 -18.10 -9.00
C ILE A 311 -27.29 -17.57 -9.40
N ASP A 312 -28.02 -17.03 -8.44
CA ASP A 312 -29.30 -16.40 -8.74
C ASP A 312 -29.17 -15.30 -9.80
N ALA A 313 -28.12 -14.48 -9.70
CA ALA A 313 -27.98 -13.35 -10.60
C ALA A 313 -27.44 -13.74 -11.97
N SER A 314 -26.60 -14.77 -12.03
CA SER A 314 -25.90 -15.09 -13.27
C SER A 314 -26.19 -16.48 -13.85
N GLY A 315 -26.74 -17.38 -13.04
CA GLY A 315 -26.93 -18.75 -13.48
C GLY A 315 -25.71 -19.61 -13.20
N SER A 316 -25.97 -20.86 -12.82
CA SER A 316 -24.92 -21.81 -12.45
C SER A 316 -23.95 -22.12 -13.60
N ASP A 317 -24.37 -21.86 -14.83
CA ASP A 317 -23.48 -22.01 -15.96
C ASP A 317 -22.49 -20.84 -16.13
N ARG A 318 -22.60 -19.82 -15.27
CA ARG A 318 -21.74 -18.65 -15.41
C ARG A 318 -20.88 -18.39 -14.15
N LEU A 319 -20.77 -19.41 -13.30
CA LEU A 319 -19.96 -19.33 -12.10
C LEU A 319 -18.74 -20.24 -12.25
N MET A 320 -17.58 -19.75 -11.82
CA MET A 320 -16.34 -20.52 -11.95
C MET A 320 -15.54 -20.53 -10.66
N PHE A 321 -15.13 -21.73 -10.27
CA PHE A 321 -14.38 -21.93 -9.03
C PHE A 321 -13.01 -21.25 -9.12
N GLY A 322 -12.57 -20.71 -7.98
CA GLY A 322 -11.26 -20.12 -7.87
C GLY A 322 -10.74 -20.19 -6.45
N THR A 323 -9.42 -20.05 -6.28
CA THR A 323 -8.83 -20.14 -4.94
C THR A 323 -8.26 -18.83 -4.41
N ASP A 324 -7.76 -18.01 -5.34
CA ASP A 324 -7.02 -16.78 -5.01
C ASP A 324 -5.64 -17.10 -4.40
N HIS A 325 -5.09 -18.24 -4.79
CA HIS A 325 -3.73 -18.62 -4.38
C HIS A 325 -2.69 -17.69 -5.01
N PRO A 326 -1.66 -17.30 -4.23
CA PRO A 326 -1.35 -17.73 -2.87
C PRO A 326 -1.54 -16.61 -1.87
N PHE A 327 -2.63 -15.87 -1.95
CA PHE A 327 -2.77 -14.67 -1.13
C PHE A 327 -3.26 -14.91 0.27
N PHE A 328 -3.89 -16.06 0.51
CA PHE A 328 -4.42 -16.34 1.85
C PHE A 328 -3.94 -17.67 2.43
N PRO A 329 -2.61 -17.78 2.71
CA PRO A 329 -2.04 -19.03 3.23
C PRO A 329 -2.46 -19.26 4.67
N PRO A 330 -2.49 -20.53 5.10
CA PRO A 330 -2.80 -20.76 6.51
C PRO A 330 -1.68 -20.19 7.37
N ILE A 331 -2.06 -19.58 8.47
CA ILE A 331 -1.12 -19.01 9.41
C ILE A 331 -0.67 -20.07 10.41
N THR A 332 -1.65 -20.77 10.95
CA THR A 332 -1.47 -21.77 12.00
C THR A 332 -0.88 -23.10 11.53
N THR A 333 -1.30 -23.56 10.37
CA THR A 333 -0.94 -24.91 9.91
C THR A 333 0.11 -24.86 8.82
N ASP A 334 0.63 -26.02 8.46
CA ASP A 334 1.63 -26.14 7.41
C ASP A 334 1.13 -25.63 6.05
N GLU A 335 1.91 -24.72 5.46
CA GLU A 335 1.54 -24.10 4.20
C GLU A 335 1.74 -25.06 3.03
N GLN A 336 2.35 -26.21 3.32
CA GLN A 336 2.45 -27.28 2.33
C GLN A 336 1.23 -28.18 2.39
N GLY A 337 0.38 -27.97 3.41
CA GLY A 337 -0.82 -28.76 3.60
C GLY A 337 -2.09 -28.17 2.98
N GLN A 338 -3.23 -28.47 3.62
CA GLN A 338 -4.54 -27.95 3.23
C GLN A 338 -4.72 -26.49 3.65
N TRP A 339 -5.29 -25.70 2.73
CA TRP A 339 -5.57 -24.28 2.98
C TRP A 339 -7.02 -24.10 3.32
N GLU A 340 -7.31 -23.40 4.40
CA GLU A 340 -8.69 -23.16 4.78
C GLU A 340 -9.44 -22.34 3.71
N SER A 341 -8.70 -21.50 2.99
CA SER A 341 -9.28 -20.62 1.99
C SER A 341 -9.76 -21.37 0.75
N VAL A 342 -9.32 -22.61 0.59
CA VAL A 342 -9.83 -23.47 -0.47
C VAL A 342 -11.01 -24.27 0.10
N SER A 343 -10.84 -24.75 1.30
CA SER A 343 -11.87 -25.48 1.99
C SER A 343 -13.18 -24.67 2.05
N LEU A 344 -13.09 -23.39 2.38
CA LEU A 344 -14.26 -22.53 2.53
C LEU A 344 -15.08 -22.36 1.25
N ASN A 345 -14.41 -22.27 0.10
CA ASN A 345 -15.09 -22.09 -1.17
C ASN A 345 -15.64 -23.39 -1.69
N ALA A 346 -14.87 -24.46 -1.50
CA ALA A 346 -15.32 -25.82 -1.79
C ALA A 346 -16.62 -26.09 -1.03
N GLN A 347 -16.64 -25.68 0.23
CA GLN A 347 -17.82 -25.90 1.04
C GLN A 347 -18.98 -25.02 0.57
N ALA A 348 -18.69 -23.81 0.13
CA ALA A 348 -19.74 -22.95 -0.44
C ALA A 348 -20.42 -23.60 -1.66
N VAL A 349 -19.63 -24.14 -2.58
CA VAL A 349 -20.22 -24.81 -3.74
C VAL A 349 -21.07 -26.01 -3.31
N ALA A 350 -20.49 -26.82 -2.43
CA ALA A 350 -21.18 -27.99 -1.88
C ALA A 350 -22.54 -27.65 -1.31
N GLU A 351 -22.59 -26.61 -0.48
CA GLU A 351 -23.83 -26.27 0.23
C GLU A 351 -24.81 -25.51 -0.66
N ALA A 352 -24.29 -24.79 -1.64
CA ALA A 352 -25.15 -24.02 -2.53
C ALA A 352 -25.87 -24.88 -3.56
N VAL A 353 -25.15 -25.83 -4.18
CA VAL A 353 -25.76 -26.59 -5.26
C VAL A 353 -25.81 -28.11 -5.06
N GLY A 354 -25.29 -28.60 -3.94
CA GLY A 354 -25.21 -30.03 -3.69
C GLY A 354 -23.96 -30.69 -4.26
N GLU A 355 -23.33 -31.53 -3.44
CA GLU A 355 -22.15 -32.28 -3.83
C GLU A 355 -22.44 -33.20 -5.01
N GLY A 356 -21.56 -33.17 -6.01
CA GLY A 356 -21.66 -34.06 -7.15
C GLY A 356 -22.79 -33.80 -8.13
N SER A 357 -23.64 -32.80 -7.86
CA SER A 357 -24.69 -32.40 -8.79
C SER A 357 -24.10 -31.78 -10.07
N ALA A 358 -24.91 -31.69 -11.12
CA ALA A 358 -24.44 -31.14 -12.39
C ALA A 358 -23.95 -29.69 -12.27
N GLU A 359 -24.57 -28.94 -11.35
CA GLU A 359 -24.20 -27.56 -11.10
C GLU A 359 -22.83 -27.53 -10.42
N ALA A 360 -22.63 -28.43 -9.46
CA ALA A 360 -21.35 -28.49 -8.77
C ALA A 360 -20.24 -28.75 -9.80
N ARG A 361 -20.40 -29.79 -10.60
CA ARG A 361 -19.46 -30.09 -11.69
C ARG A 361 -19.20 -28.90 -12.62
N ALA A 362 -20.26 -28.15 -12.95
CA ALA A 362 -20.12 -27.02 -13.84
C ALA A 362 -19.27 -25.90 -13.21
N ILE A 363 -19.65 -25.49 -12.00
CA ILE A 363 -18.94 -24.45 -11.26
C ILE A 363 -17.49 -24.84 -10.98
N MET A 364 -17.28 -26.11 -10.62
CA MET A 364 -15.96 -26.57 -10.24
C MET A 364 -15.02 -26.81 -11.42
N GLY A 365 -15.50 -26.64 -12.65
CA GLY A 365 -14.63 -26.84 -13.79
C GLY A 365 -15.15 -26.89 -15.21
N SER A 366 -16.34 -27.43 -15.42
CA SER A 366 -16.87 -27.53 -16.78
C SER A 366 -17.11 -26.14 -17.40
N ASN A 367 -17.59 -25.21 -16.58
CA ASN A 367 -17.83 -23.85 -17.03
C ASN A 367 -16.58 -23.20 -17.59
N ALA A 368 -15.52 -23.22 -16.80
CA ALA A 368 -14.22 -22.70 -17.24
C ALA A 368 -13.79 -23.36 -18.56
N ILE A 369 -13.84 -24.69 -18.59
CA ILE A 369 -13.42 -25.43 -19.77
C ILE A 369 -14.16 -24.98 -21.04
N ARG A 370 -15.46 -24.72 -20.90
CA ARG A 370 -16.27 -24.32 -22.05
C ARG A 370 -15.98 -22.86 -22.43
N VAL A 371 -15.95 -22.00 -21.43
CA VAL A 371 -15.83 -20.56 -21.64
C VAL A 371 -14.42 -20.14 -22.05
N LEU A 372 -13.42 -20.78 -21.47
CA LEU A 372 -12.03 -20.40 -21.75
C LEU A 372 -11.37 -21.36 -22.75
N ARG A 373 -12.17 -22.25 -23.32
CA ARG A 373 -11.69 -23.22 -24.31
C ARG A 373 -10.42 -23.97 -23.87
N LEU A 374 -10.48 -24.58 -22.69
CA LEU A 374 -9.32 -25.28 -22.11
C LEU A 374 -9.01 -26.68 -22.70
N GLU A 375 -9.83 -27.15 -23.65
CA GLU A 375 -9.62 -28.44 -24.31
C GLU A 375 -8.88 -28.28 -25.64
N SER B 1 -62.77 -14.44 9.81
CA SER B 1 -61.70 -13.61 9.29
C SER B 1 -60.84 -13.30 10.47
N MET B 2 -59.54 -13.37 10.22
CA MET B 2 -58.64 -13.47 11.31
C MET B 2 -57.36 -12.76 10.96
N ALA B 3 -56.37 -12.87 11.84
CA ALA B 3 -55.14 -12.15 11.66
C ALA B 3 -54.44 -12.62 10.39
N THR B 4 -54.49 -13.92 10.10
CA THR B 4 -53.76 -14.43 8.93
C THR B 4 -54.40 -14.03 7.60
N SER B 5 -55.73 -13.97 7.56
CA SER B 5 -56.45 -13.50 6.37
C SER B 5 -56.26 -12.00 6.13
N ASN B 6 -56.20 -11.23 7.22
CA ASN B 6 -56.06 -9.80 7.13
C ASN B 6 -54.91 -9.28 7.98
N PRO B 7 -53.67 -9.60 7.58
CA PRO B 7 -52.48 -9.30 8.37
C PRO B 7 -52.22 -7.81 8.49
N THR B 8 -51.44 -7.44 9.48
CA THR B 8 -51.06 -6.06 9.70
C THR B 8 -49.78 -5.82 8.94
N VAL B 9 -49.82 -4.91 7.97
CA VAL B 9 -48.63 -4.57 7.21
C VAL B 9 -47.95 -3.34 7.82
N VAL B 10 -46.63 -3.42 7.98
CA VAL B 10 -45.87 -2.37 8.61
C VAL B 10 -44.68 -1.97 7.76
N ASP B 11 -44.45 -0.67 7.63
CA ASP B 11 -43.27 -0.12 6.95
C ASP B 11 -42.36 0.49 8.01
N ILE B 12 -41.14 -0.01 8.14
CA ILE B 12 -40.23 0.47 9.18
C ILE B 12 -39.13 1.37 8.62
N HIS B 13 -39.26 1.74 7.36
CA HIS B 13 -38.24 2.55 6.74
C HIS B 13 -38.90 3.62 5.90
N THR B 14 -39.24 4.72 6.56
CA THR B 14 -40.07 5.75 5.97
C THR B 14 -39.81 7.08 6.69
N HIS B 15 -39.46 8.10 5.91
CA HIS B 15 -38.91 9.33 6.46
C HIS B 15 -39.85 10.51 6.38
N MET B 16 -39.61 11.49 7.25
CA MET B 16 -40.23 12.81 7.17
C MET B 16 -39.20 13.91 7.48
N TYR B 17 -39.55 15.14 7.08
CA TYR B 17 -38.91 16.35 7.56
C TYR B 17 -40.01 17.26 8.17
N PRO B 18 -39.99 17.45 9.50
CA PRO B 18 -40.98 18.35 10.14
C PRO B 18 -40.66 19.81 9.79
N PRO B 19 -41.70 20.67 9.70
CA PRO B 19 -41.60 22.07 9.26
C PRO B 19 -40.42 22.85 9.84
N GLN B 20 -40.16 22.67 11.13
CA GLN B 20 -39.06 23.33 11.81
C GLN B 20 -37.71 22.99 11.18
N TYR B 21 -37.53 21.71 10.87
CA TYR B 21 -36.30 21.19 10.30
C TYR B 21 -36.06 21.75 8.90
N ILE B 22 -37.15 21.96 8.16
CA ILE B 22 -37.02 22.57 6.85
C ILE B 22 -36.64 24.04 7.00
N LYS B 23 -37.27 24.71 7.97
CA LYS B 23 -36.97 26.10 8.26
C LYS B 23 -35.47 26.31 8.46
N ILE B 24 -34.83 25.33 9.11
CA ILE B 24 -33.38 25.35 9.31
C ILE B 24 -32.64 25.10 8.00
N LEU B 25 -33.08 24.07 7.27
CA LEU B 25 -32.44 23.70 6.01
C LEU B 25 -32.46 24.84 4.99
N GLU B 26 -33.55 25.60 4.98
CA GLU B 26 -33.68 26.75 4.07
C GLU B 26 -32.71 27.87 4.44
N SER B 27 -32.52 28.08 5.74
CA SER B 27 -31.62 29.11 6.25
C SER B 27 -30.18 28.60 6.37
N ARG B 28 -29.67 28.00 5.29
CA ARG B 28 -28.32 27.44 5.29
C ARG B 28 -27.60 27.68 3.96
N THR B 29 -26.28 27.65 4.00
CA THR B 29 -25.45 27.93 2.83
C THR B 29 -24.58 26.75 2.42
N THR B 30 -24.07 26.01 3.40
CA THR B 30 -23.38 24.73 3.13
C THR B 30 -24.29 23.53 3.41
N ILE B 31 -23.92 22.37 2.84
CA ILE B 31 -24.64 21.10 3.02
C ILE B 31 -24.90 20.74 4.49
N PRO B 32 -26.14 20.35 4.83
CA PRO B 32 -27.31 20.23 3.95
C PRO B 32 -28.08 21.55 3.83
N LEU B 33 -28.78 21.74 2.72
CA LEU B 33 -29.59 22.95 2.57
C LEU B 33 -30.76 22.75 1.61
N VAL B 34 -31.83 23.53 1.80
CA VAL B 34 -32.92 23.60 0.84
C VAL B 34 -32.98 25.00 0.25
N ARG B 35 -32.96 25.07 -1.08
CA ARG B 35 -32.89 26.35 -1.77
C ARG B 35 -33.79 26.41 -3.00
N LYS B 36 -34.67 27.41 -3.04
CA LYS B 36 -35.57 27.62 -4.17
C LYS B 36 -34.81 28.19 -5.37
N PHE B 37 -35.08 27.63 -6.55
CA PHE B 37 -34.55 28.12 -7.82
C PHE B 37 -35.74 28.52 -8.70
N PRO B 38 -35.52 29.45 -9.66
CA PRO B 38 -36.67 29.89 -10.46
C PRO B 38 -37.28 28.80 -11.36
N GLN B 39 -36.43 28.01 -12.02
CA GLN B 39 -36.91 27.00 -12.98
C GLN B 39 -37.85 25.92 -12.40
N ALA B 40 -37.42 25.28 -11.32
CA ALA B 40 -38.24 24.25 -10.66
C ALA B 40 -39.18 24.85 -9.61
N PRO B 41 -40.50 24.63 -9.77
CA PRO B 41 -41.54 25.14 -8.84
C PRO B 41 -41.37 24.68 -7.40
N GLU B 42 -40.64 23.59 -7.19
CA GLU B 42 -40.35 23.10 -5.84
C GLU B 42 -38.92 23.48 -5.43
N PRO B 43 -38.73 23.77 -4.14
CA PRO B 43 -37.39 24.02 -3.60
C PRO B 43 -36.50 22.79 -3.80
N ARG B 44 -35.22 23.01 -4.08
CA ARG B 44 -34.32 21.89 -4.28
C ARG B 44 -33.65 21.50 -2.97
N LEU B 45 -33.78 20.22 -2.62
CA LEU B 45 -33.13 19.67 -1.45
C LEU B 45 -31.74 19.18 -1.86
N ILE B 46 -30.71 19.71 -1.20
CA ILE B 46 -29.33 19.34 -1.51
C ILE B 46 -28.66 18.76 -0.26
N LEU B 47 -28.18 17.53 -0.38
CA LEU B 47 -27.79 16.72 0.78
C LEU B 47 -26.40 16.10 0.66
N LEU B 48 -25.93 15.90 -0.57
CA LEU B 48 -24.75 15.08 -0.80
C LEU B 48 -23.58 15.86 -1.40
N GLU B 49 -22.37 15.42 -1.09
CA GLU B 49 -21.15 15.95 -1.71
C GLU B 49 -21.17 15.87 -3.25
N ALA B 50 -21.86 14.88 -3.80
CA ALA B 50 -21.95 14.70 -5.24
C ALA B 50 -22.84 15.74 -5.92
N GLU B 51 -23.77 16.29 -5.14
CA GLU B 51 -24.70 17.31 -5.64
C GLU B 51 -24.07 18.71 -5.63
N LEU B 52 -22.83 18.79 -5.15
CA LEU B 52 -22.13 20.06 -4.94
C LEU B 52 -21.69 20.75 -6.24
N GLY B 53 -21.07 19.98 -7.14
CA GLY B 53 -20.59 20.50 -8.41
C GLY B 53 -21.69 20.95 -9.36
N ASP B 54 -22.93 20.78 -8.93
CA ASP B 54 -24.10 21.19 -9.69
C ASP B 54 -24.74 22.40 -9.03
N LEU B 55 -24.46 22.56 -7.73
CA LEU B 55 -24.95 23.72 -6.99
C LEU B 55 -24.10 24.95 -7.31
N GLU B 56 -22.79 24.76 -7.37
CA GLU B 56 -21.84 25.82 -7.71
C GLU B 56 -21.99 26.27 -9.16
N LYS B 57 -22.72 25.46 -9.94
CA LYS B 57 -22.96 25.75 -11.35
C LYS B 57 -24.31 26.43 -11.56
N ALA B 58 -25.30 26.07 -10.75
CA ALA B 58 -26.66 26.62 -10.86
C ALA B 58 -26.78 27.92 -10.06
N ILE B 59 -25.72 28.30 -9.38
CA ILE B 59 -25.68 29.57 -8.67
C ILE B 59 -25.13 30.68 -9.57
N ASN B 60 -24.23 30.30 -10.48
CA ASN B 60 -23.61 31.24 -11.41
C ASN B 60 -24.26 31.22 -12.79
N ASP B 61 -25.40 30.52 -12.89
CA ASP B 61 -26.10 30.36 -14.15
C ASP B 61 -27.55 29.95 -13.91
N PRO B 62 -28.50 30.67 -14.53
CA PRO B 62 -29.93 30.37 -14.40
C PRO B 62 -30.47 29.41 -15.48
N SER B 63 -29.59 28.95 -16.37
CA SER B 63 -29.99 28.03 -17.44
C SER B 63 -29.57 26.60 -17.13
N ALA B 64 -28.75 26.45 -16.08
CA ALA B 64 -28.22 25.14 -15.70
C ALA B 64 -29.27 24.23 -15.05
N LYS B 65 -29.11 22.92 -15.27
CA LYS B 65 -29.97 21.90 -14.70
C LYS B 65 -29.96 21.98 -13.16
N PRO B 66 -31.15 21.95 -12.54
CA PRO B 66 -31.31 22.20 -11.11
C PRO B 66 -30.62 21.15 -10.23
N PRO B 67 -30.03 21.58 -9.10
CA PRO B 67 -29.23 20.69 -8.28
C PRO B 67 -30.08 19.94 -7.24
N GLY B 68 -29.53 18.85 -6.71
CA GLY B 68 -30.23 18.06 -5.71
C GLY B 68 -31.51 17.43 -6.25
N ARG B 69 -32.43 17.17 -5.33
CA ARG B 69 -33.69 16.50 -5.64
C ARG B 69 -34.85 17.35 -5.13
N PRO B 70 -36.04 17.23 -5.76
CA PRO B 70 -37.22 18.03 -5.41
C PRO B 70 -37.71 17.82 -3.99
N LEU B 71 -37.88 18.91 -3.24
CA LEU B 71 -38.51 18.85 -1.93
C LEU B 71 -40.00 18.99 -2.12
N THR B 72 -40.68 17.87 -2.06
CA THR B 72 -42.09 17.80 -2.38
C THR B 72 -42.89 17.86 -1.08
N SER B 73 -44.22 17.82 -1.20
CA SER B 73 -45.11 17.79 -0.04
C SER B 73 -45.00 16.47 0.73
N HIS B 74 -44.41 15.47 0.09
CA HIS B 74 -44.26 14.15 0.68
C HIS B 74 -43.28 14.10 1.82
N PHE B 75 -42.37 15.08 1.90
CA PHE B 75 -41.42 15.12 2.99
C PHE B 75 -42.03 15.69 4.27
N ALA B 76 -42.89 16.70 4.10
CA ALA B 76 -43.40 17.43 5.26
C ALA B 76 -44.82 17.05 5.66
N SER B 77 -45.66 16.75 4.68
CA SER B 77 -47.09 16.53 4.97
C SER B 77 -47.41 15.17 5.58
N LEU B 78 -48.11 15.19 6.72
CA LEU B 78 -48.49 13.96 7.41
C LEU B 78 -49.66 13.30 6.68
N ASP B 79 -50.61 14.11 6.24
CA ASP B 79 -51.68 13.59 5.42
C ASP B 79 -51.12 12.91 4.17
N GLN B 80 -49.99 13.41 3.68
CA GLN B 80 -49.34 12.81 2.53
C GLN B 80 -48.85 11.41 2.90
N LYS B 81 -48.29 11.28 4.11
CA LYS B 81 -47.80 10.00 4.61
C LYS B 81 -48.92 8.99 4.71
N ILE B 82 -50.01 9.40 5.36
CA ILE B 82 -51.19 8.54 5.50
C ILE B 82 -51.78 8.14 4.16
N HIS B 83 -51.79 9.07 3.20
CA HIS B 83 -52.29 8.79 1.85
C HIS B 83 -51.48 7.72 1.15
N PHE B 84 -50.16 7.89 1.17
CA PHE B 84 -49.21 6.89 0.68
C PHE B 84 -49.48 5.51 1.30
N MET B 85 -49.64 5.47 2.62
CA MET B 85 -49.93 4.22 3.32
C MET B 85 -51.24 3.58 2.85
N ASP B 86 -52.26 4.40 2.65
CA ASP B 86 -53.56 3.86 2.29
C ASP B 86 -53.55 3.34 0.85
N THR B 87 -52.78 3.98 -0.02
CA THR B 87 -52.68 3.57 -1.42
C THR B 87 -51.91 2.25 -1.55
N HIS B 88 -51.04 1.98 -0.59
CA HIS B 88 -50.16 0.83 -0.67
C HIS B 88 -50.49 -0.23 0.37
N ARG B 89 -51.69 -0.14 0.93
CA ARG B 89 -52.16 -1.07 1.97
C ARG B 89 -51.19 -1.26 3.16
N ILE B 90 -50.44 -0.21 3.50
CA ILE B 90 -49.63 -0.21 4.73
C ILE B 90 -50.49 0.20 5.93
N ASP B 91 -50.42 -0.59 7.01
CA ASP B 91 -51.26 -0.34 8.19
C ASP B 91 -50.58 0.56 9.21
N ILE B 92 -49.26 0.40 9.34
CA ILE B 92 -48.50 1.05 10.37
C ILE B 92 -47.17 1.50 9.78
N SER B 93 -46.79 2.74 10.07
CA SER B 93 -45.46 3.19 9.72
C SER B 93 -44.64 3.50 10.95
N VAL B 94 -43.34 3.21 10.86
CA VAL B 94 -42.39 3.64 11.85
C VAL B 94 -41.54 4.72 11.19
N ILE B 95 -41.96 5.96 11.39
CA ILE B 95 -41.37 7.11 10.70
C ILE B 95 -40.09 7.57 11.38
N SER B 96 -39.22 8.23 10.64
CA SER B 96 -37.98 8.69 11.20
C SER B 96 -37.52 9.95 10.47
N LEU B 97 -36.72 10.77 11.13
CA LEU B 97 -36.18 11.95 10.49
C LEU B 97 -35.19 11.46 9.45
N ALA B 98 -35.17 12.09 8.27
CA ALA B 98 -34.28 11.64 7.19
C ALA B 98 -32.86 12.13 7.43
N ASN B 99 -31.92 11.60 6.65
CA ASN B 99 -30.55 12.06 6.68
C ASN B 99 -30.49 13.56 6.33
N PRO B 100 -29.56 14.33 6.94
CA PRO B 100 -28.54 13.87 7.88
C PRO B 100 -28.88 14.10 9.36
N TRP B 101 -30.17 14.12 9.69
CA TRP B 101 -30.61 14.24 11.07
C TRP B 101 -30.08 15.51 11.71
N LEU B 102 -29.45 15.41 12.88
CA LEU B 102 -28.94 16.58 13.57
C LEU B 102 -27.42 16.65 13.56
N ASP B 103 -26.80 15.89 12.67
CA ASP B 103 -25.37 15.69 12.65
C ASP B 103 -24.56 16.94 12.31
N PHE B 104 -25.23 17.96 11.79
CA PHE B 104 -24.58 19.19 11.38
C PHE B 104 -24.83 20.32 12.38
N VAL B 105 -25.93 20.21 13.13
CA VAL B 105 -26.33 21.23 14.09
C VAL B 105 -25.22 21.53 15.10
N HIS B 106 -25.01 22.81 15.38
CA HIS B 106 -23.97 23.24 16.32
C HIS B 106 -24.22 22.70 17.71
N ALA B 107 -23.14 22.38 18.41
CA ALA B 107 -23.17 21.66 19.68
C ALA B 107 -24.09 22.27 20.74
N SER B 108 -24.26 23.60 20.69
CA SER B 108 -24.99 24.33 21.71
C SER B 108 -26.51 24.24 21.53
N HIS B 109 -26.98 24.35 20.29
CA HIS B 109 -28.41 24.38 20.02
C HIS B 109 -28.97 22.99 19.84
N ALA B 110 -28.06 22.03 19.61
CA ALA B 110 -28.40 20.64 19.27
C ALA B 110 -29.43 20.02 20.18
N GLY B 111 -29.12 19.95 21.47
CA GLY B 111 -30.02 19.37 22.45
C GLY B 111 -31.46 19.87 22.36
N ASP B 112 -31.61 21.19 22.26
CA ASP B 112 -32.94 21.80 22.28
C ASP B 112 -33.71 21.56 20.97
N ILE B 113 -32.98 21.62 19.86
CA ILE B 113 -33.55 21.25 18.55
C ILE B 113 -33.98 19.78 18.53
N ALA B 114 -33.17 18.92 19.14
CA ALA B 114 -33.48 17.50 19.29
C ALA B 114 -34.80 17.31 20.04
N GLU B 115 -34.89 17.90 21.22
CA GLU B 115 -36.10 17.80 22.04
C GLU B 115 -37.32 18.24 21.24
N SER B 116 -37.19 19.38 20.57
CA SER B 116 -38.28 19.93 19.78
C SER B 116 -38.76 18.97 18.68
N VAL B 117 -37.81 18.48 17.89
CA VAL B 117 -38.10 17.57 16.79
C VAL B 117 -38.77 16.28 17.29
N ASN B 118 -38.18 15.63 18.29
CA ASN B 118 -38.72 14.38 18.82
C ASN B 118 -40.11 14.56 19.43
N ASP B 119 -40.34 15.72 20.05
CA ASP B 119 -41.67 16.04 20.57
C ASP B 119 -42.67 16.13 19.43
N GLU B 120 -42.22 16.74 18.33
CA GLU B 120 -43.03 16.91 17.14
C GLU B 120 -43.38 15.54 16.55
N PHE B 121 -42.38 14.67 16.40
CA PHE B 121 -42.62 13.32 15.92
C PHE B 121 -43.66 12.60 16.76
N SER B 122 -43.51 12.65 18.09
CA SER B 122 -44.51 12.06 18.99
C SER B 122 -45.93 12.64 18.85
N ASP B 123 -46.01 13.93 18.52
CA ASP B 123 -47.30 14.59 18.32
C ASP B 123 -47.95 14.09 17.02
N MET B 124 -47.12 14.01 15.97
CA MET B 124 -47.54 13.47 14.67
C MET B 124 -48.11 12.07 14.83
N CYS B 125 -47.35 11.18 15.46
CA CYS B 125 -47.81 9.81 15.70
C CYS B 125 -49.12 9.82 16.46
N GLY B 126 -49.28 10.81 17.35
CA GLY B 126 -50.51 10.99 18.11
C GLY B 126 -51.73 11.33 17.26
N LYS B 127 -51.48 11.95 16.11
CA LYS B 127 -52.57 12.35 15.21
C LYS B 127 -53.33 11.18 14.60
N HIS B 128 -52.68 10.02 14.52
CA HIS B 128 -53.30 8.81 13.95
C HIS B 128 -52.99 7.61 14.82
N HIS B 129 -53.71 7.50 15.94
CA HIS B 129 -53.41 6.46 16.93
C HIS B 129 -53.50 5.06 16.35
N GLY B 130 -52.43 4.30 16.55
CA GLY B 130 -52.38 2.92 16.10
C GLY B 130 -51.48 2.72 14.90
N ARG B 131 -51.46 3.70 13.99
CA ARG B 131 -50.79 3.58 12.70
C ARG B 131 -49.40 4.21 12.64
N LEU B 132 -49.01 4.92 13.69
CA LEU B 132 -47.74 5.64 13.65
C LEU B 132 -46.90 5.44 14.90
N PHE B 133 -45.61 5.18 14.66
CA PHE B 133 -44.59 5.08 15.71
C PHE B 133 -43.34 5.68 15.10
N PHE B 134 -42.30 5.91 15.90
CA PHE B 134 -41.09 6.54 15.35
C PHE B 134 -39.77 6.17 15.99
N PHE B 135 -38.72 6.25 15.18
CA PHE B 135 -37.36 6.26 15.68
C PHE B 135 -37.01 7.72 15.93
N GLY B 136 -36.60 8.04 17.15
CA GLY B 136 -36.26 9.42 17.50
C GLY B 136 -34.88 9.75 16.99
N THR B 137 -34.49 11.02 17.12
CA THR B 137 -33.15 11.42 16.70
C THR B 137 -32.28 11.93 17.88
N LEU B 138 -30.97 11.73 17.77
CA LEU B 138 -30.04 12.14 18.83
C LEU B 138 -29.16 13.32 18.43
N PRO B 139 -28.88 14.22 19.40
CA PRO B 139 -27.97 15.36 19.23
C PRO B 139 -26.52 14.96 19.46
N LEU B 140 -25.92 14.25 18.51
CA LEU B 140 -24.58 13.70 18.70
C LEU B 140 -23.43 14.72 18.60
N THR B 141 -23.77 15.97 18.34
CA THR B 141 -22.76 17.04 18.45
C THR B 141 -22.71 17.59 19.88
N ALA B 142 -23.84 17.52 20.58
CA ALA B 142 -23.91 17.91 22.00
C ALA B 142 -23.01 17.02 22.85
N PRO B 143 -22.60 17.51 24.04
CA PRO B 143 -21.77 16.68 24.93
C PRO B 143 -22.57 15.59 25.65
N LEU B 144 -21.83 14.66 26.27
CA LEU B 144 -22.37 13.41 26.80
C LEU B 144 -23.62 13.53 27.68
N GLU B 145 -23.70 14.55 28.52
CA GLU B 145 -24.81 14.64 29.48
C GLU B 145 -26.13 15.05 28.81
N THR B 146 -26.02 15.82 27.72
CA THR B 146 -27.17 16.20 26.93
C THR B 146 -27.71 14.97 26.20
N LEU B 147 -26.79 14.22 25.59
CA LEU B 147 -27.09 12.95 24.92
C LEU B 147 -27.85 11.98 25.83
N LEU B 148 -27.31 11.73 27.01
CA LEU B 148 -27.93 10.84 27.97
C LEU B 148 -29.33 11.30 28.39
N ALA B 149 -29.49 12.62 28.57
CA ALA B 149 -30.81 13.18 28.92
C ALA B 149 -31.79 13.06 27.77
N SER B 150 -31.28 13.19 26.55
CA SER B 150 -32.05 12.98 25.32
C SER B 150 -32.58 11.53 25.24
N ILE B 151 -31.69 10.56 25.43
CA ILE B 151 -32.05 9.14 25.49
C ILE B 151 -33.08 8.84 26.57
N SER B 152 -32.93 9.47 27.73
CA SER B 152 -33.88 9.31 28.82
C SER B 152 -35.27 9.83 28.40
N HIS B 153 -35.26 10.96 27.68
CA HIS B 153 -36.46 11.57 27.11
C HIS B 153 -37.16 10.61 26.17
N LEU B 154 -36.40 10.06 25.23
CA LEU B 154 -36.91 9.13 24.23
C LEU B 154 -37.53 7.90 24.87
N ALA B 155 -36.81 7.29 25.81
CA ALA B 155 -37.30 6.13 26.54
C ALA B 155 -38.64 6.40 27.22
N ALA B 156 -38.88 7.66 27.59
CA ALA B 156 -40.16 8.02 28.20
C ALA B 156 -41.16 8.49 27.14
N LEU B 157 -40.65 8.89 25.97
CA LEU B 157 -41.48 9.50 24.93
C LEU B 157 -42.48 8.53 24.30
N LYS B 158 -43.75 8.92 24.32
CA LYS B 158 -44.83 8.13 23.74
C LYS B 158 -44.62 7.88 22.24
N TYR B 159 -44.97 6.68 21.80
CA TYR B 159 -44.87 6.27 20.40
C TYR B 159 -43.44 6.02 19.92
N CYS B 160 -42.45 6.39 20.72
CA CYS B 160 -41.05 6.17 20.37
C CYS B 160 -40.70 4.70 20.52
N ARG B 161 -39.78 4.21 19.69
CA ARG B 161 -39.40 2.79 19.70
C ARG B 161 -37.91 2.56 19.46
N GLY B 162 -37.20 3.63 19.15
CA GLY B 162 -35.77 3.53 18.94
C GLY B 162 -35.23 4.84 18.43
N VAL B 163 -33.99 4.82 17.96
CA VAL B 163 -33.38 6.01 17.42
C VAL B 163 -32.86 5.68 16.04
N ILE B 164 -32.78 6.68 15.18
CA ILE B 164 -32.13 6.52 13.89
C ILE B 164 -30.81 7.26 13.98
N LEU B 165 -29.75 6.69 13.40
CA LEU B 165 -28.46 7.37 13.41
C LEU B 165 -27.52 6.96 12.29
N GLY B 166 -26.66 7.89 11.89
CA GLY B 166 -25.73 7.70 10.79
C GLY B 166 -24.42 7.09 11.23
N THR B 167 -23.45 7.09 10.32
CA THR B 167 -22.25 6.29 10.49
C THR B 167 -21.01 7.07 10.93
N SER B 168 -21.18 8.34 11.28
CA SER B 168 -20.07 9.14 11.79
C SER B 168 -20.04 9.14 13.32
N GLY B 169 -21.22 8.99 13.93
CA GLY B 169 -21.35 8.93 15.38
C GLY B 169 -21.01 10.26 16.04
N LEU B 170 -19.81 10.35 16.60
CA LEU B 170 -19.35 11.58 17.23
C LEU B 170 -18.26 12.24 16.37
N GLY B 171 -18.17 11.83 15.12
CA GLY B 171 -17.22 12.41 14.18
C GLY B 171 -15.99 11.55 13.96
N LYS B 172 -15.89 10.44 14.68
CA LYS B 172 -14.74 9.54 14.54
C LYS B 172 -15.13 8.14 14.05
N GLY B 173 -16.41 7.97 13.70
CA GLY B 173 -16.91 6.67 13.29
C GLY B 173 -17.74 6.01 14.38
N LEU B 174 -18.02 4.73 14.21
CA LEU B 174 -18.86 4.02 15.18
C LEU B 174 -18.04 3.11 16.08
N ASP B 175 -16.80 2.87 15.68
CA ASP B 175 -15.87 2.10 16.51
C ASP B 175 -15.18 3.01 17.53
N ASP B 176 -15.61 4.26 17.59
CA ASP B 176 -15.06 5.24 18.53
C ASP B 176 -15.44 4.88 19.97
N PRO B 177 -14.43 4.58 20.81
CA PRO B 177 -14.67 4.10 22.17
C PRO B 177 -15.57 5.00 23.00
N HIS B 178 -15.61 6.29 22.70
CA HIS B 178 -16.46 7.21 23.44
C HIS B 178 -17.94 6.99 23.19
N LEU B 179 -18.26 6.14 22.21
CA LEU B 179 -19.64 5.86 21.82
C LEU B 179 -20.30 4.89 22.80
N ILE B 180 -19.48 4.01 23.37
CA ILE B 180 -19.95 2.90 24.23
C ILE B 180 -21.05 3.24 25.25
N PRO B 181 -20.84 4.27 26.11
CA PRO B 181 -21.84 4.54 27.16
C PRO B 181 -23.17 4.98 26.56
N ILE B 182 -23.12 5.51 25.34
CA ILE B 182 -24.31 5.93 24.60
C ILE B 182 -25.07 4.69 24.10
N PHE B 183 -24.32 3.74 23.53
CA PHE B 183 -24.89 2.44 23.17
C PHE B 183 -25.51 1.77 24.40
N GLU B 184 -24.73 1.71 25.48
CA GLU B 184 -25.16 1.13 26.75
C GLU B 184 -26.46 1.73 27.26
N ALA B 185 -26.58 3.05 27.11
CA ALA B 185 -27.78 3.78 27.52
C ALA B 185 -28.97 3.38 26.65
N LEU B 186 -28.73 3.33 25.34
CA LEU B 186 -29.72 2.89 24.35
C LEU B 186 -30.18 1.48 24.64
N ALA B 187 -29.20 0.58 24.78
CA ALA B 187 -29.47 -0.81 25.12
C ALA B 187 -30.34 -0.94 26.36
N ALA B 188 -29.98 -0.22 27.42
CA ALA B 188 -30.70 -0.33 28.69
C ALA B 188 -32.12 0.24 28.57
N ALA B 189 -32.27 1.26 27.73
CA ALA B 189 -33.57 1.90 27.52
C ALA B 189 -34.48 1.08 26.59
N ASN B 190 -33.95 -0.03 26.07
CA ASN B 190 -34.64 -0.87 25.06
C ASN B 190 -34.94 -0.07 23.80
N LEU B 191 -34.02 0.81 23.44
CA LEU B 191 -34.16 1.63 22.25
C LEU B 191 -33.41 1.00 21.09
N THR B 192 -34.16 0.53 20.09
CA THR B 192 -33.56 -0.14 18.95
C THR B 192 -32.93 0.89 18.03
N ILE B 193 -31.71 0.60 17.59
CA ILE B 193 -31.01 1.47 16.69
C ILE B 193 -31.34 1.13 15.23
N PHE B 194 -31.78 2.14 14.49
CA PHE B 194 -31.91 2.05 13.05
C PHE B 194 -30.71 2.77 12.45
N LEU B 195 -29.69 2.00 12.06
CA LEU B 195 -28.50 2.56 11.45
C LEU B 195 -28.75 2.86 9.96
N HIS B 196 -28.27 4.01 9.49
CA HIS B 196 -28.67 4.53 8.18
C HIS B 196 -27.56 5.34 7.53
N PRO B 197 -27.34 5.14 6.23
CA PRO B 197 -26.25 5.86 5.55
C PRO B 197 -26.54 7.35 5.30
N HIS B 198 -25.51 8.09 4.89
CA HIS B 198 -25.63 9.47 4.43
C HIS B 198 -24.37 9.98 3.74
N TYR B 199 -23.23 9.76 4.38
CA TYR B 199 -21.97 10.35 3.92
C TYR B 199 -21.39 9.64 2.71
N GLY B 200 -21.83 8.40 2.49
CA GLY B 200 -21.34 7.60 1.39
C GLY B 200 -19.83 7.47 1.34
N LEU B 201 -19.29 7.49 0.13
CA LEU B 201 -17.86 7.36 -0.08
C LEU B 201 -17.26 8.70 -0.55
N PRO B 202 -15.92 8.81 -0.49
CA PRO B 202 -15.21 9.91 -1.13
C PRO B 202 -15.70 10.14 -2.56
N ASN B 203 -16.20 11.34 -2.85
CA ASN B 203 -16.78 11.67 -4.15
C ASN B 203 -15.87 11.37 -5.35
N ASP B 204 -14.59 11.18 -5.09
CA ASP B 204 -13.62 10.95 -6.15
C ASP B 204 -13.62 9.51 -6.65
N VAL B 205 -14.11 8.58 -5.83
CA VAL B 205 -14.16 7.17 -6.24
C VAL B 205 -15.08 6.95 -7.43
N TRP B 206 -16.03 7.88 -7.64
CA TRP B 206 -16.97 7.80 -8.75
C TRP B 206 -16.40 8.14 -10.11
N GLY B 207 -15.19 8.69 -10.14
CA GLY B 207 -14.54 9.05 -11.40
C GLY B 207 -14.97 10.40 -11.98
N PRO B 208 -14.36 10.78 -13.10
CA PRO B 208 -14.64 12.05 -13.78
C PRO B 208 -16.05 12.18 -14.41
N ARG B 209 -16.53 11.11 -15.06
CA ARG B 209 -17.81 11.15 -15.77
C ARG B 209 -19.06 11.02 -14.87
N ALA B 210 -18.85 10.92 -13.55
CA ALA B 210 -19.94 10.58 -12.62
C ALA B 210 -21.24 11.41 -12.74
N GLY B 211 -21.14 12.63 -13.26
CA GLY B 211 -22.30 13.49 -13.36
C GLY B 211 -23.18 13.09 -14.53
N GLU B 212 -22.65 12.23 -15.39
CA GLU B 212 -23.41 11.66 -16.50
C GLU B 212 -24.41 10.60 -16.03
N TYR B 213 -24.30 10.18 -14.77
CA TYR B 213 -25.06 9.05 -14.27
C TYR B 213 -26.05 9.45 -13.19
N GLY B 214 -26.40 10.73 -13.11
CA GLY B 214 -27.35 11.19 -12.11
C GLY B 214 -26.93 10.89 -10.68
N HIS B 215 -27.90 10.49 -9.86
CA HIS B 215 -27.64 10.15 -8.46
C HIS B 215 -27.29 8.68 -8.25
N VAL B 216 -27.17 7.93 -9.34
CA VAL B 216 -27.13 6.47 -9.28
C VAL B 216 -25.98 5.94 -8.42
N LEU B 217 -24.74 6.27 -8.80
CA LEU B 217 -23.57 5.85 -8.02
C LEU B 217 -23.65 6.14 -6.51
N PRO B 218 -23.94 7.39 -6.12
CA PRO B 218 -23.97 7.63 -4.66
C PRO B 218 -25.11 6.91 -3.95
N LEU B 219 -26.27 6.79 -4.59
CA LEU B 219 -27.44 6.22 -3.91
C LEU B 219 -27.52 4.70 -3.96
N ALA B 220 -26.93 4.10 -4.99
CA ALA B 220 -27.06 2.67 -5.19
C ALA B 220 -25.84 1.93 -4.71
N LEU B 221 -24.68 2.57 -4.84
CA LEU B 221 -23.45 1.97 -4.37
C LEU B 221 -22.93 2.61 -3.09
N GLY B 222 -22.99 3.94 -3.03
CA GLY B 222 -22.38 4.68 -1.93
C GLY B 222 -23.04 4.44 -0.60
N PHE B 223 -24.37 4.53 -0.56
CA PHE B 223 -25.11 4.30 0.65
C PHE B 223 -24.91 2.89 1.25
N PRO B 224 -25.19 1.82 0.46
CA PRO B 224 -25.07 0.51 1.07
C PRO B 224 -23.64 0.21 1.49
N MET B 225 -22.67 0.70 0.73
CA MET B 225 -21.27 0.47 1.05
C MET B 225 -20.88 1.16 2.35
N GLU B 226 -21.38 2.39 2.53
CA GLU B 226 -21.15 3.15 3.73
C GLU B 226 -21.64 2.36 4.93
N THR B 227 -22.84 1.80 4.82
CA THR B 227 -23.41 1.01 5.90
C THR B 227 -22.57 -0.23 6.24
N THR B 228 -22.11 -0.94 5.21
CA THR B 228 -21.28 -2.11 5.42
C THR B 228 -19.96 -1.76 6.15
N ILE B 229 -19.30 -0.69 5.72
CA ILE B 229 -18.05 -0.27 6.38
C ILE B 229 -18.31 0.10 7.84
N ALA B 230 -19.38 0.86 8.08
CA ALA B 230 -19.72 1.25 9.44
C ALA B 230 -19.86 0.02 10.33
N VAL B 231 -20.76 -0.89 9.96
CA VAL B 231 -21.03 -2.05 10.80
C VAL B 231 -19.82 -2.97 10.93
N ALA B 232 -19.00 -3.08 9.89
CA ALA B 232 -17.83 -3.95 9.96
C ALA B 232 -16.81 -3.40 10.94
N ARG B 233 -16.71 -2.06 10.99
CA ARG B 233 -15.85 -1.40 11.96
C ARG B 233 -16.43 -1.56 13.36
N MET B 234 -17.76 -1.43 13.50
CA MET B 234 -18.42 -1.69 14.78
C MET B 234 -18.09 -3.08 15.27
N TYR B 235 -18.08 -4.03 14.34
CA TYR B 235 -17.89 -5.44 14.69
C TYR B 235 -16.44 -5.74 15.05
N LEU B 236 -15.52 -5.30 14.21
CA LEU B 236 -14.10 -5.53 14.47
C LEU B 236 -13.59 -4.83 15.75
N ALA B 237 -14.26 -3.75 16.16
CA ALA B 237 -13.95 -3.07 17.42
C ALA B 237 -14.47 -3.80 18.64
N GLY B 238 -15.39 -4.73 18.44
CA GLY B 238 -15.92 -5.55 19.52
C GLY B 238 -17.16 -4.99 20.19
N VAL B 239 -17.75 -3.95 19.60
CA VAL B 239 -18.93 -3.28 20.17
C VAL B 239 -20.06 -4.25 20.51
N PHE B 240 -20.22 -5.29 19.69
CA PHE B 240 -21.32 -6.26 19.87
C PHE B 240 -21.10 -7.20 21.06
N ASP B 241 -19.89 -7.76 21.17
CA ASP B 241 -19.49 -8.52 22.35
C ASP B 241 -19.59 -7.65 23.61
N GLN B 242 -19.18 -6.39 23.48
CA GLN B 242 -19.13 -5.45 24.59
C GLN B 242 -20.50 -4.94 25.06
N VAL B 243 -21.42 -4.70 24.12
CA VAL B 243 -22.78 -4.25 24.50
C VAL B 243 -23.83 -5.27 24.05
N ARG B 244 -23.94 -6.35 24.81
CA ARG B 244 -24.71 -7.52 24.40
C ARG B 244 -26.20 -7.35 24.16
N ASP B 245 -26.85 -6.42 24.86
CA ASP B 245 -28.27 -6.22 24.61
C ASP B 245 -28.54 -5.05 23.66
N LEU B 246 -27.49 -4.63 22.95
CA LEU B 246 -27.66 -3.71 21.83
C LEU B 246 -28.43 -4.40 20.69
N ARG B 247 -29.38 -3.67 20.10
CA ARG B 247 -30.16 -4.14 18.95
C ARG B 247 -30.17 -3.11 17.81
N MET B 248 -29.67 -3.49 16.65
CA MET B 248 -29.58 -2.61 15.49
C MET B 248 -30.36 -3.15 14.29
N VAL B 249 -31.07 -2.26 13.60
CA VAL B 249 -31.69 -2.57 12.31
C VAL B 249 -30.89 -1.87 11.21
N LEU B 250 -30.33 -2.64 10.27
CA LEU B 250 -29.54 -2.05 9.20
C LEU B 250 -30.37 -1.66 7.98
N ALA B 251 -30.19 -0.43 7.51
CA ALA B 251 -30.87 0.03 6.31
C ALA B 251 -30.40 -0.74 5.10
N HIS B 252 -31.30 -0.88 4.12
CA HIS B 252 -31.02 -1.52 2.83
C HIS B 252 -30.40 -2.91 2.96
N SER B 253 -31.05 -3.75 3.76
CA SER B 253 -30.64 -5.12 4.03
C SER B 253 -29.18 -5.25 4.42
N GLY B 254 -28.70 -4.32 5.24
CA GLY B 254 -27.31 -4.32 5.68
C GLY B 254 -26.34 -3.90 4.60
N GLY B 255 -26.83 -3.18 3.60
CA GLY B 255 -25.97 -2.70 2.55
C GLY B 255 -25.38 -3.74 1.62
N THR B 256 -24.31 -4.41 2.04
CA THR B 256 -23.77 -5.53 1.26
C THR B 256 -23.30 -6.60 2.24
N LEU B 257 -23.65 -6.41 3.50
CA LEU B 257 -23.18 -7.28 4.57
C LEU B 257 -23.46 -8.78 4.35
N PRO B 258 -24.76 -9.16 4.14
CA PRO B 258 -25.04 -10.59 3.88
C PRO B 258 -24.11 -11.20 2.83
N PHE B 259 -23.89 -10.47 1.75
CA PHE B 259 -23.07 -10.96 0.64
C PHE B 259 -21.59 -11.08 1.00
N LEU B 260 -21.14 -10.28 1.96
CA LEU B 260 -19.70 -10.23 2.27
C LEU B 260 -19.28 -10.91 3.58
N ALA B 261 -20.25 -11.33 4.40
CA ALA B 261 -19.96 -11.92 5.71
C ALA B 261 -18.98 -13.09 5.61
N GLY B 262 -19.23 -14.00 4.68
CA GLY B 262 -18.27 -15.05 4.36
C GLY B 262 -16.88 -14.48 4.20
N ARG B 263 -16.73 -13.48 3.33
CA ARG B 263 -15.41 -12.90 3.04
C ARG B 263 -14.76 -12.24 4.26
N ILE B 264 -15.53 -11.49 5.03
CA ILE B 264 -15.04 -10.87 6.26
C ILE B 264 -14.47 -11.93 7.22
N GLU B 265 -15.26 -12.96 7.49
CA GLU B 265 -14.82 -14.08 8.33
C GLU B 265 -13.53 -14.72 7.82
N SER B 266 -13.46 -15.04 6.53
CA SER B 266 -12.27 -15.67 5.99
C SER B 266 -11.03 -14.77 6.13
N CYS B 267 -11.25 -13.46 6.01
CA CYS B 267 -10.17 -12.51 6.11
C CYS B 267 -9.68 -12.38 7.56
N ILE B 268 -10.60 -12.34 8.51
CA ILE B 268 -10.24 -12.43 9.92
C ILE B 268 -9.40 -13.69 10.21
N PHE B 269 -9.97 -14.85 9.91
CA PHE B 269 -9.29 -16.12 10.08
C PHE B 269 -7.86 -16.11 9.54
N HIS B 270 -7.65 -15.45 8.40
CA HIS B 270 -6.35 -15.45 7.70
C HIS B 270 -5.50 -14.21 7.91
N ASP B 271 -5.86 -13.38 8.88
CA ASP B 271 -5.09 -12.17 9.16
C ASP B 271 -3.98 -12.45 10.17
N GLY B 272 -2.73 -12.33 9.72
CA GLY B 272 -1.55 -12.51 10.56
C GLY B 272 -1.62 -11.76 11.87
N GLN B 273 -1.84 -10.44 11.79
CA GLN B 273 -1.92 -9.60 12.98
C GLN B 273 -3.01 -10.04 13.93
N LEU B 274 -4.18 -10.39 13.39
CA LEU B 274 -5.32 -10.73 14.23
C LEU B 274 -5.12 -12.05 15.00
N VAL B 275 -4.54 -13.06 14.35
CA VAL B 275 -4.27 -14.34 15.01
C VAL B 275 -3.15 -14.23 16.05
N ARG B 276 -2.05 -13.58 15.70
CA ARG B 276 -0.91 -13.46 16.64
C ARG B 276 -1.22 -12.54 17.83
N GLN B 277 -2.28 -11.73 17.74
CA GLN B 277 -2.73 -10.91 18.88
C GLN B 277 -3.79 -11.61 19.72
N GLY B 278 -4.08 -12.88 19.41
CA GLY B 278 -5.04 -13.66 20.16
C GLY B 278 -6.49 -13.20 19.98
N LYS B 279 -6.83 -12.75 18.77
CA LYS B 279 -8.16 -12.22 18.49
C LYS B 279 -9.06 -13.20 17.73
N VAL B 280 -8.44 -14.18 17.06
CA VAL B 280 -9.19 -15.23 16.37
C VAL B 280 -9.22 -16.51 17.23
N GLY B 281 -9.80 -16.39 18.43
CA GLY B 281 -9.98 -17.53 19.33
C GLY B 281 -11.09 -18.45 18.84
N GLU B 282 -11.25 -19.60 19.48
CA GLU B 282 -12.26 -20.56 19.04
C GLU B 282 -13.65 -20.28 19.63
N ASN B 283 -13.71 -19.44 20.65
CA ASN B 283 -14.99 -19.06 21.26
C ASN B 283 -15.45 -17.68 20.81
N ARG B 284 -14.81 -17.15 19.77
CA ARG B 284 -15.17 -15.87 19.16
C ARG B 284 -16.62 -15.84 18.66
N ARG B 285 -17.27 -14.69 18.80
CA ARG B 285 -18.56 -14.50 18.15
C ARG B 285 -18.32 -13.97 16.73
N THR B 286 -18.87 -14.68 15.76
CA THR B 286 -18.69 -14.38 14.34
C THR B 286 -19.69 -13.34 13.86
N VAL B 287 -19.46 -12.83 12.64
CA VAL B 287 -20.43 -11.92 12.00
C VAL B 287 -21.82 -12.56 11.93
N TRP B 288 -21.84 -13.87 11.68
CA TRP B 288 -23.08 -14.63 11.64
C TRP B 288 -23.82 -14.61 12.95
N ASP B 289 -23.10 -14.78 14.06
CA ASP B 289 -23.73 -14.72 15.38
C ASP B 289 -24.43 -13.37 15.59
N VAL B 290 -23.71 -12.29 15.31
CA VAL B 290 -24.26 -10.94 15.44
C VAL B 290 -25.49 -10.79 14.56
N LEU B 291 -25.36 -11.25 13.31
CA LEU B 291 -26.45 -11.20 12.33
C LEU B 291 -27.70 -11.95 12.78
N LYS B 292 -27.53 -12.94 13.65
CA LYS B 292 -28.67 -13.76 14.11
C LYS B 292 -29.15 -13.40 15.52
N GLU B 293 -28.36 -12.61 16.25
CA GLU B 293 -28.64 -12.32 17.67
C GLU B 293 -28.86 -10.84 18.01
N GLN B 294 -28.13 -9.95 17.34
CA GLN B 294 -28.17 -8.53 17.70
C GLN B 294 -28.65 -7.60 16.58
N VAL B 295 -28.37 -7.98 15.34
CA VAL B 295 -28.67 -7.16 14.18
C VAL B 295 -29.90 -7.68 13.43
N TYR B 296 -30.80 -6.77 13.09
CA TYR B 296 -31.91 -7.05 12.19
C TYR B 296 -31.62 -6.35 10.86
N LEU B 297 -32.29 -6.79 9.79
CA LEU B 297 -32.10 -6.20 8.47
C LEU B 297 -33.43 -5.74 7.91
N ASP B 298 -33.47 -4.54 7.32
CA ASP B 298 -34.66 -4.14 6.59
C ASP B 298 -34.70 -4.89 5.25
N ALA B 299 -35.89 -5.00 4.65
CA ALA B 299 -36.04 -5.72 3.39
C ALA B 299 -36.01 -4.78 2.18
N VAL B 300 -35.26 -3.68 2.28
CA VAL B 300 -35.25 -2.67 1.21
C VAL B 300 -34.10 -2.93 0.25
N ILE B 301 -34.30 -3.91 -0.64
CA ILE B 301 -33.20 -4.47 -1.42
C ILE B 301 -33.59 -4.57 -2.90
N TYR B 302 -34.88 -4.37 -3.18
CA TYR B 302 -35.41 -4.22 -4.55
C TYR B 302 -35.40 -5.47 -5.42
N SER B 303 -34.94 -6.59 -4.88
CA SER B 303 -34.89 -7.83 -5.65
C SER B 303 -34.82 -9.04 -4.75
N GLU B 304 -35.43 -10.12 -5.21
CA GLU B 304 -35.42 -11.38 -4.48
C GLU B 304 -34.02 -11.96 -4.33
N VAL B 305 -33.09 -11.55 -5.19
CA VAL B 305 -31.72 -12.07 -5.15
C VAL B 305 -31.04 -11.66 -3.84
N GLY B 306 -31.01 -10.35 -3.62
CA GLY B 306 -30.53 -9.80 -2.37
C GLY B 306 -31.39 -10.18 -1.17
N LEU B 307 -32.70 -10.20 -1.35
CA LEU B 307 -33.58 -10.54 -0.24
C LEU B 307 -33.33 -11.97 0.24
N LYS B 308 -33.12 -12.89 -0.71
CA LYS B 308 -32.85 -14.27 -0.37
C LYS B 308 -31.51 -14.41 0.37
N ALA B 309 -30.50 -13.65 -0.03
CA ALA B 309 -29.25 -13.71 0.71
C ALA B 309 -29.39 -13.09 2.11
N ALA B 310 -30.15 -11.99 2.21
CA ALA B 310 -30.41 -11.39 3.50
C ALA B 310 -31.08 -12.39 4.44
N ILE B 311 -32.07 -13.13 3.92
CA ILE B 311 -32.82 -14.09 4.72
C ILE B 311 -31.91 -15.23 5.17
N ASP B 312 -31.08 -15.71 4.26
CA ASP B 312 -30.08 -16.73 4.56
C ASP B 312 -29.21 -16.32 5.74
N ALA B 313 -28.79 -15.06 5.74
CA ALA B 313 -27.84 -14.59 6.75
C ALA B 313 -28.49 -14.33 8.11
N SER B 314 -29.69 -13.76 8.12
CA SER B 314 -30.30 -13.41 9.40
C SER B 314 -31.50 -14.25 9.81
N GLY B 315 -32.08 -14.99 8.87
CA GLY B 315 -33.32 -15.71 9.15
C GLY B 315 -34.53 -14.83 8.89
N SER B 316 -35.59 -15.44 8.37
CA SER B 316 -36.79 -14.72 7.97
C SER B 316 -37.47 -14.03 9.13
N ASP B 317 -37.12 -14.40 10.36
CA ASP B 317 -37.72 -13.75 11.52
C ASP B 317 -37.02 -12.43 11.88
N ARG B 318 -35.92 -12.13 11.18
CA ARG B 318 -35.15 -10.92 11.44
C ARG B 318 -35.16 -9.93 10.26
N LEU B 319 -36.13 -10.09 9.37
CA LEU B 319 -36.25 -9.20 8.21
C LEU B 319 -37.51 -8.38 8.34
N MET B 320 -37.43 -7.11 7.97
CA MET B 320 -38.57 -6.20 8.11
C MET B 320 -38.74 -5.30 6.89
N PHE B 321 -39.99 -5.22 6.43
CA PHE B 321 -40.34 -4.51 5.20
C PHE B 321 -40.19 -3.00 5.34
N GLY B 322 -39.72 -2.35 4.27
CA GLY B 322 -39.60 -0.90 4.21
C GLY B 322 -39.87 -0.36 2.82
N THR B 323 -40.00 0.97 2.69
CA THR B 323 -40.27 1.59 1.39
C THR B 323 -39.29 2.70 1.02
N ASP B 324 -38.71 3.34 2.02
CA ASP B 324 -37.80 4.47 1.83
C ASP B 324 -38.55 5.70 1.27
N HIS B 325 -39.81 5.83 1.66
CA HIS B 325 -40.62 6.99 1.33
C HIS B 325 -40.02 8.19 2.03
N PRO B 326 -39.95 9.33 1.33
CA PRO B 326 -40.43 9.52 -0.03
C PRO B 326 -39.31 9.79 -1.03
N PHE B 327 -38.15 9.16 -0.85
CA PHE B 327 -37.01 9.48 -1.70
C PHE B 327 -37.02 8.97 -3.15
N PHE B 328 -37.89 8.01 -3.47
CA PHE B 328 -37.95 7.53 -4.85
C PHE B 328 -39.36 7.57 -5.43
N PRO B 329 -39.86 8.79 -5.71
CA PRO B 329 -41.22 8.97 -6.20
C PRO B 329 -41.30 8.72 -7.70
N PRO B 330 -42.49 8.38 -8.20
CA PRO B 330 -42.66 8.22 -9.64
C PRO B 330 -42.43 9.55 -10.38
N ILE B 331 -41.73 9.48 -11.52
CA ILE B 331 -41.50 10.66 -12.35
C ILE B 331 -42.62 10.81 -13.40
N THR B 332 -42.88 9.74 -14.16
CA THR B 332 -43.81 9.82 -15.29
C THR B 332 -45.20 9.32 -14.98
N THR B 333 -45.50 9.08 -13.71
CA THR B 333 -46.87 8.79 -13.30
C THR B 333 -47.17 9.60 -12.04
N ASP B 334 -48.40 9.50 -11.57
CA ASP B 334 -48.89 10.32 -10.47
C ASP B 334 -48.22 9.96 -9.13
N GLU B 335 -47.64 10.96 -8.49
CA GLU B 335 -47.10 10.79 -7.14
C GLU B 335 -48.17 10.41 -6.11
N GLN B 336 -49.44 10.49 -6.51
CA GLN B 336 -50.54 10.15 -5.61
C GLN B 336 -51.03 8.74 -5.86
N GLY B 337 -50.50 8.10 -6.89
CA GLY B 337 -50.84 6.73 -7.22
C GLY B 337 -49.82 5.73 -6.68
N GLN B 338 -49.71 4.60 -7.35
CA GLN B 338 -48.78 3.55 -6.94
C GLN B 338 -47.34 3.98 -7.16
N TRP B 339 -46.48 3.66 -6.21
CA TRP B 339 -45.06 3.91 -6.37
C TRP B 339 -44.35 2.64 -6.78
N GLU B 340 -43.67 2.70 -7.91
CA GLU B 340 -42.86 1.59 -8.39
C GLU B 340 -41.87 1.11 -7.34
N SER B 341 -41.30 2.05 -6.61
CA SER B 341 -40.30 1.76 -5.57
C SER B 341 -40.84 0.83 -4.47
N VAL B 342 -42.12 0.97 -4.14
CA VAL B 342 -42.76 0.04 -3.20
C VAL B 342 -42.99 -1.34 -3.84
N SER B 343 -43.53 -1.32 -5.05
CA SER B 343 -43.96 -2.55 -5.68
C SER B 343 -42.80 -3.49 -6.02
N LEU B 344 -41.63 -2.93 -6.31
CA LEU B 344 -40.42 -3.74 -6.46
C LEU B 344 -40.10 -4.53 -5.17
N ASN B 345 -40.21 -3.87 -4.03
CA ASN B 345 -39.91 -4.53 -2.76
C ASN B 345 -40.94 -5.58 -2.38
N ALA B 346 -42.22 -5.29 -2.62
CA ALA B 346 -43.25 -6.30 -2.41
C ALA B 346 -43.04 -7.48 -3.34
N GLN B 347 -42.72 -7.20 -4.59
CA GLN B 347 -42.45 -8.26 -5.54
C GLN B 347 -41.27 -9.14 -5.09
N ALA B 348 -40.21 -8.51 -4.58
CA ALA B 348 -39.05 -9.23 -4.04
C ALA B 348 -39.43 -10.13 -2.86
N VAL B 349 -40.28 -9.63 -1.97
CA VAL B 349 -40.78 -10.49 -0.89
C VAL B 349 -41.56 -11.70 -1.42
N ALA B 350 -42.49 -11.44 -2.33
CA ALA B 350 -43.34 -12.46 -2.93
C ALA B 350 -42.53 -13.50 -3.65
N GLU B 351 -41.53 -13.08 -4.41
CA GLU B 351 -40.70 -14.02 -5.14
C GLU B 351 -39.70 -14.77 -4.25
N ALA B 352 -39.31 -14.17 -3.13
CA ALA B 352 -38.36 -14.81 -2.22
C ALA B 352 -39.01 -15.82 -1.32
N VAL B 353 -40.21 -15.54 -0.83
CA VAL B 353 -40.81 -16.42 0.16
C VAL B 353 -42.27 -16.80 -0.11
N GLY B 354 -42.82 -16.38 -1.23
CA GLY B 354 -44.19 -16.73 -1.58
C GLY B 354 -45.20 -15.75 -1.04
N GLU B 355 -46.16 -15.37 -1.88
CA GLU B 355 -47.31 -14.58 -1.45
C GLU B 355 -48.06 -15.30 -0.33
N GLY B 356 -48.40 -14.57 0.73
CA GLY B 356 -49.22 -15.13 1.81
C GLY B 356 -48.64 -16.28 2.65
N SER B 357 -47.42 -16.72 2.38
CA SER B 357 -46.75 -17.65 3.30
C SER B 357 -46.55 -17.02 4.70
N ALA B 358 -46.14 -17.82 5.68
CA ALA B 358 -45.93 -17.31 7.05
C ALA B 358 -44.69 -16.41 7.10
N GLU B 359 -43.69 -16.75 6.30
CA GLU B 359 -42.51 -15.91 6.19
C GLU B 359 -42.86 -14.56 5.59
N ALA B 360 -43.81 -14.53 4.65
CA ALA B 360 -44.16 -13.26 4.03
C ALA B 360 -44.87 -12.37 5.05
N ARG B 361 -45.81 -12.96 5.79
CA ARG B 361 -46.48 -12.23 6.85
C ARG B 361 -45.49 -11.71 7.89
N ALA B 362 -44.48 -12.50 8.20
CA ALA B 362 -43.48 -12.07 9.18
C ALA B 362 -42.73 -10.84 8.65
N ILE B 363 -42.22 -10.93 7.43
CA ILE B 363 -41.42 -9.83 6.85
C ILE B 363 -42.25 -8.58 6.60
N MET B 364 -43.52 -8.75 6.26
CA MET B 364 -44.42 -7.64 5.92
C MET B 364 -44.99 -6.92 7.12
N GLY B 365 -44.80 -7.48 8.31
CA GLY B 365 -45.37 -6.85 9.49
C GLY B 365 -45.09 -7.46 10.85
N SER B 366 -45.13 -8.78 10.92
CA SER B 366 -45.12 -9.46 12.22
C SER B 366 -43.80 -9.30 12.95
N ASN B 367 -42.69 -9.47 12.25
CA ASN B 367 -41.37 -9.23 12.80
C ASN B 367 -41.27 -7.85 13.42
N ALA B 368 -41.78 -6.84 12.72
CA ALA B 368 -41.69 -5.47 13.20
C ALA B 368 -42.54 -5.26 14.46
N ILE B 369 -43.78 -5.75 14.41
CA ILE B 369 -44.66 -5.68 15.57
C ILE B 369 -44.06 -6.34 16.81
N ARG B 370 -43.41 -7.49 16.64
CA ARG B 370 -42.74 -8.15 17.76
C ARG B 370 -41.51 -7.37 18.25
N VAL B 371 -40.57 -7.13 17.33
CA VAL B 371 -39.28 -6.52 17.63
C VAL B 371 -39.37 -5.08 18.14
N LEU B 372 -40.32 -4.33 17.61
CA LEU B 372 -40.44 -2.92 17.99
C LEU B 372 -41.69 -2.68 18.83
N ARG B 373 -42.15 -3.72 19.52
CA ARG B 373 -43.31 -3.67 20.42
C ARG B 373 -44.38 -2.69 19.98
N LEU B 374 -44.87 -2.84 18.75
CA LEU B 374 -45.83 -1.88 18.19
C LEU B 374 -47.26 -2.03 18.71
N GLU B 375 -47.43 -1.99 20.03
CA GLU B 375 -48.75 -1.97 20.67
C GLU B 375 -49.08 -0.58 21.24
N SER C 1 68.24 -9.23 -8.60
CA SER C 1 68.89 -9.65 -7.35
C SER C 1 68.66 -8.71 -6.16
N MET C 2 68.95 -7.43 -6.36
CA MET C 2 68.73 -6.43 -5.32
C MET C 2 67.26 -6.39 -4.96
N ALA C 3 67.02 -6.10 -3.68
CA ALA C 3 65.74 -5.58 -3.24
C ALA C 3 65.53 -4.21 -3.87
N THR C 4 66.62 -3.53 -4.25
CA THR C 4 66.51 -2.20 -4.86
C THR C 4 66.31 -2.23 -6.38
N SER C 5 66.75 -3.29 -7.03
CA SER C 5 66.55 -3.48 -8.46
C SER C 5 65.11 -3.88 -8.74
N ASN C 6 64.51 -4.55 -7.77
CA ASN C 6 63.15 -5.03 -7.87
C ASN C 6 62.39 -4.78 -6.58
N PRO C 7 62.04 -3.51 -6.31
CA PRO C 7 61.38 -3.21 -5.03
C PRO C 7 59.92 -3.65 -4.95
N THR C 8 59.43 -3.73 -3.72
CA THR C 8 58.05 -4.10 -3.45
C THR C 8 57.17 -2.85 -3.48
N VAL C 9 56.20 -2.85 -4.40
CA VAL C 9 55.30 -1.73 -4.57
C VAL C 9 54.02 -2.01 -3.81
N VAL C 10 53.51 -0.99 -3.10
CA VAL C 10 52.35 -1.18 -2.24
C VAL C 10 51.29 -0.10 -2.44
N ASP C 11 50.03 -0.53 -2.50
CA ASP C 11 48.90 0.39 -2.64
C ASP C 11 48.14 0.34 -1.32
N ILE C 12 48.07 1.47 -0.63
CA ILE C 12 47.40 1.50 0.66
C ILE C 12 46.03 2.14 0.57
N HIS C 13 45.70 2.68 -0.59
CA HIS C 13 44.40 3.34 -0.74
C HIS C 13 43.65 2.68 -1.88
N THR C 14 42.85 1.68 -1.53
CA THR C 14 42.25 0.79 -2.53
C THR C 14 41.06 0.02 -1.93
N HIS C 15 39.90 0.08 -2.61
CA HIS C 15 38.62 -0.35 -2.03
C HIS C 15 37.92 -1.55 -2.65
N MET C 16 36.99 -2.11 -1.87
CA MET C 16 36.11 -3.20 -2.29
C MET C 16 34.78 -3.13 -1.55
N TYR C 17 33.71 -3.56 -2.21
CA TYR C 17 32.47 -3.92 -1.53
C TYR C 17 32.29 -5.42 -1.65
N PRO C 18 32.28 -6.13 -0.51
CA PRO C 18 31.97 -7.57 -0.50
C PRO C 18 30.50 -7.82 -0.87
N PRO C 19 30.21 -9.02 -1.39
CA PRO C 19 28.85 -9.42 -1.81
C PRO C 19 27.76 -9.15 -0.77
N GLN C 20 28.05 -9.47 0.49
CA GLN C 20 27.06 -9.30 1.54
C GLN C 20 26.77 -7.83 1.85
N TYR C 21 27.72 -6.96 1.50
CA TYR C 21 27.54 -5.53 1.72
C TYR C 21 26.72 -4.92 0.59
N ILE C 22 27.01 -5.37 -0.63
CA ILE C 22 26.23 -4.98 -1.79
C ILE C 22 24.77 -5.39 -1.61
N LYS C 23 24.54 -6.56 -1.00
CA LYS C 23 23.17 -6.98 -0.68
C LYS C 23 22.43 -5.95 0.18
N ILE C 24 23.08 -5.46 1.22
CA ILE C 24 22.49 -4.41 2.06
C ILE C 24 22.20 -3.17 1.21
N LEU C 25 23.11 -2.82 0.31
CA LEU C 25 22.92 -1.62 -0.52
C LEU C 25 21.76 -1.75 -1.52
N GLU C 26 21.51 -2.97 -1.98
CA GLU C 26 20.46 -3.26 -2.96
C GLU C 26 19.05 -3.15 -2.39
N SER C 27 18.93 -3.41 -1.09
CA SER C 27 17.65 -3.40 -0.41
C SER C 27 17.36 -2.05 0.24
N ARG C 28 18.03 -1.01 -0.21
CA ARG C 28 17.92 0.29 0.46
C ARG C 28 17.24 1.35 -0.38
N THR C 29 16.52 2.23 0.31
CA THR C 29 15.65 3.23 -0.30
C THR C 29 16.29 4.61 -0.29
N THR C 30 17.14 4.88 0.70
CA THR C 30 17.84 6.16 0.76
C THR C 30 19.33 5.97 0.58
N ILE C 31 20.06 7.08 0.40
CA ILE C 31 21.52 7.08 0.36
C ILE C 31 22.09 6.34 1.59
N PRO C 32 23.01 5.40 1.35
CA PRO C 32 23.47 4.97 0.03
C PRO C 32 22.67 3.78 -0.47
N LEU C 33 22.61 3.60 -1.78
CA LEU C 33 21.84 2.50 -2.34
C LEU C 33 22.37 2.06 -3.70
N VAL C 34 22.18 0.78 -3.98
CA VAL C 34 22.48 0.24 -5.29
C VAL C 34 21.19 -0.23 -5.94
N ARG C 35 20.94 0.22 -7.16
CA ARG C 35 19.79 -0.31 -7.93
C ARG C 35 19.99 -0.26 -9.44
N LYS C 36 19.33 -1.18 -10.13
CA LYS C 36 19.43 -1.29 -11.59
C LYS C 36 18.47 -0.32 -12.28
N PHE C 37 18.96 0.31 -13.34
CA PHE C 37 18.13 1.14 -14.21
C PHE C 37 18.26 0.61 -15.62
N PRO C 38 17.13 0.53 -16.35
CA PRO C 38 17.12 0.03 -17.73
C PRO C 38 18.11 0.75 -18.69
N GLN C 39 18.53 1.97 -18.33
CA GLN C 39 19.37 2.80 -19.19
C GLN C 39 20.85 2.33 -19.27
N ALA C 40 21.42 1.90 -18.15
CA ALA C 40 22.76 1.33 -18.14
C ALA C 40 22.76 -0.17 -17.78
N PRO C 41 23.63 -0.97 -18.43
CA PRO C 41 23.72 -2.42 -18.19
C PRO C 41 24.22 -2.81 -16.80
N GLU C 42 24.85 -1.88 -16.12
CA GLU C 42 25.31 -2.09 -14.75
C GLU C 42 24.30 -1.54 -13.75
N PRO C 43 24.34 -2.05 -12.51
CA PRO C 43 23.60 -1.37 -11.45
C PRO C 43 24.26 -0.02 -11.17
N ARG C 44 23.50 0.91 -10.62
CA ARG C 44 24.05 2.20 -10.28
C ARG C 44 24.33 2.25 -8.78
N LEU C 45 25.52 2.75 -8.46
CA LEU C 45 25.94 2.99 -7.09
C LEU C 45 25.69 4.45 -6.78
N ILE C 46 24.86 4.70 -5.77
CA ILE C 46 24.50 6.07 -5.42
C ILE C 46 24.88 6.35 -3.97
N LEU C 47 25.83 7.26 -3.81
CA LEU C 47 26.54 7.43 -2.54
C LEU C 47 26.44 8.82 -1.94
N LEU C 48 26.60 9.84 -2.79
CA LEU C 48 26.65 11.21 -2.31
C LEU C 48 25.40 12.02 -2.67
N GLU C 49 25.13 13.04 -1.87
CA GLU C 49 23.89 13.80 -1.99
C GLU C 49 23.83 14.66 -3.26
N ALA C 50 24.97 14.86 -3.91
CA ALA C 50 25.00 15.56 -5.20
C ALA C 50 24.26 14.77 -6.26
N GLU C 51 24.15 13.46 -6.04
CA GLU C 51 23.53 12.55 -6.99
C GLU C 51 22.01 12.45 -6.82
N LEU C 52 21.48 12.99 -5.73
CA LEU C 52 20.05 12.83 -5.39
C LEU C 52 19.08 13.46 -6.40
N GLY C 53 19.42 14.64 -6.91
CA GLY C 53 18.62 15.30 -7.91
C GLY C 53 18.54 14.46 -9.17
N ASP C 54 19.65 13.81 -9.50
CA ASP C 54 19.73 12.93 -10.65
C ASP C 54 18.93 11.64 -10.43
N LEU C 55 18.70 11.28 -9.18
CA LEU C 55 17.99 10.05 -8.85
C LEU C 55 16.50 10.19 -9.07
N GLU C 56 15.89 11.17 -8.41
CA GLU C 56 14.46 11.47 -8.60
C GLU C 56 14.14 11.74 -10.07
N LYS C 57 15.07 12.36 -10.78
CA LYS C 57 14.92 12.66 -12.19
C LYS C 57 14.90 11.38 -13.03
N ALA C 58 15.71 10.40 -12.65
CA ALA C 58 15.82 9.16 -13.41
C ALA C 58 14.76 8.14 -13.04
N ILE C 59 14.14 8.32 -11.88
CA ILE C 59 13.04 7.46 -11.45
C ILE C 59 11.79 7.85 -12.24
N ASN C 60 11.61 9.15 -12.44
CA ASN C 60 10.42 9.68 -13.10
C ASN C 60 10.52 9.80 -14.61
N ASP C 61 11.74 9.75 -15.13
CA ASP C 61 11.98 9.87 -16.57
C ASP C 61 13.00 8.85 -17.08
N PRO C 62 12.55 7.91 -17.91
CA PRO C 62 13.42 6.85 -18.45
C PRO C 62 14.47 7.36 -19.46
N SER C 63 14.33 8.61 -19.88
CA SER C 63 15.25 9.19 -20.88
C SER C 63 16.41 9.89 -20.19
N ALA C 64 16.24 10.15 -18.90
CA ALA C 64 17.27 10.75 -18.05
C ALA C 64 18.58 9.96 -18.04
N LYS C 65 19.69 10.66 -17.81
CA LYS C 65 20.98 10.03 -17.58
C LYS C 65 20.90 9.17 -16.32
N PRO C 66 21.46 7.96 -16.38
CA PRO C 66 21.52 7.08 -15.19
C PRO C 66 22.35 7.73 -14.06
N PRO C 67 21.78 7.78 -12.84
CA PRO C 67 22.40 8.55 -11.76
C PRO C 67 23.56 7.80 -11.09
N GLY C 68 24.34 8.51 -10.26
CA GLY C 68 25.48 7.91 -9.57
C GLY C 68 26.54 7.39 -10.52
N ARG C 69 27.16 6.27 -10.14
CA ARG C 69 28.24 5.67 -10.92
C ARG C 69 28.02 4.16 -11.12
N PRO C 70 28.60 3.60 -12.19
CA PRO C 70 28.47 2.17 -12.45
C PRO C 70 29.08 1.32 -11.34
N LEU C 71 28.27 0.50 -10.68
CA LEU C 71 28.79 -0.55 -9.81
C LEU C 71 29.34 -1.62 -10.73
N THR C 72 30.62 -1.49 -11.06
CA THR C 72 31.28 -2.41 -11.97
C THR C 72 31.75 -3.64 -11.21
N SER C 73 32.27 -4.63 -11.94
CA SER C 73 32.84 -5.83 -11.33
C SER C 73 34.06 -5.51 -10.45
N HIS C 74 34.62 -4.32 -10.63
CA HIS C 74 35.85 -3.93 -9.96
C HIS C 74 35.66 -3.77 -8.46
N PHE C 75 34.46 -3.43 -8.04
CA PHE C 75 34.17 -3.29 -6.62
C PHE C 75 34.14 -4.67 -5.94
N ALA C 76 33.41 -5.61 -6.53
CA ALA C 76 33.09 -6.85 -5.86
C ALA C 76 34.09 -7.98 -6.07
N SER C 77 34.82 -7.94 -7.16
CA SER C 77 35.60 -9.10 -7.59
C SER C 77 37.08 -9.08 -7.18
N LEU C 78 37.47 -10.07 -6.39
CA LEU C 78 38.85 -10.18 -5.93
C LEU C 78 39.79 -10.46 -7.09
N ASP C 79 39.36 -11.32 -7.99
CA ASP C 79 40.18 -11.66 -9.16
C ASP C 79 40.43 -10.40 -9.96
N GLN C 80 39.47 -9.50 -9.87
CA GLN C 80 39.56 -8.25 -10.58
C GLN C 80 40.56 -7.30 -9.90
N LYS C 81 40.54 -7.27 -8.57
CA LYS C 81 41.53 -6.50 -7.81
C LYS C 81 42.92 -6.95 -8.21
N ILE C 82 43.13 -8.27 -8.12
CA ILE C 82 44.43 -8.88 -8.46
C ILE C 82 44.86 -8.58 -9.88
N HIS C 83 43.91 -8.57 -10.81
CA HIS C 83 44.21 -8.21 -12.20
C HIS C 83 44.68 -6.76 -12.33
N PHE C 84 43.96 -5.83 -11.71
CA PHE C 84 44.35 -4.41 -11.66
C PHE C 84 45.76 -4.28 -11.08
N MET C 85 46.05 -5.07 -10.05
CA MET C 85 47.36 -5.05 -9.42
C MET C 85 48.46 -5.49 -10.38
N ASP C 86 48.23 -6.61 -11.07
CA ASP C 86 49.23 -7.13 -12.01
C ASP C 86 49.46 -6.18 -13.20
N THR C 87 48.38 -5.60 -13.71
CA THR C 87 48.46 -4.65 -14.83
C THR C 87 49.36 -3.45 -14.53
N HIS C 88 49.41 -3.05 -13.26
CA HIS C 88 50.08 -1.83 -12.84
C HIS C 88 51.32 -2.06 -11.98
N ARG C 89 51.74 -3.32 -11.88
CA ARG C 89 52.94 -3.70 -11.14
C ARG C 89 52.88 -3.37 -9.64
N ILE C 90 51.70 -3.56 -9.06
CA ILE C 90 51.49 -3.44 -7.63
C ILE C 90 51.63 -4.83 -7.00
N ASP C 91 52.57 -4.96 -6.08
CA ASP C 91 52.83 -6.23 -5.42
C ASP C 91 51.86 -6.50 -4.26
N ILE C 92 51.57 -5.48 -3.45
CA ILE C 92 50.73 -5.65 -2.27
C ILE C 92 49.65 -4.56 -2.17
N SER C 93 48.43 -4.94 -1.80
CA SER C 93 47.38 -3.96 -1.60
C SER C 93 46.87 -4.04 -0.19
N VAL C 94 46.73 -2.88 0.45
CA VAL C 94 46.04 -2.84 1.71
C VAL C 94 44.65 -2.32 1.38
N ILE C 95 43.71 -3.25 1.25
CA ILE C 95 42.36 -2.92 0.81
C ILE C 95 41.49 -2.54 1.99
N SER C 96 40.36 -1.91 1.70
CA SER C 96 39.46 -1.45 2.74
C SER C 96 38.04 -1.37 2.20
N LEU C 97 37.07 -1.54 3.08
CA LEU C 97 35.69 -1.25 2.72
C LEU C 97 35.61 0.23 2.29
N ALA C 98 34.87 0.51 1.22
CA ALA C 98 34.71 1.88 0.76
C ALA C 98 33.62 2.60 1.54
N ASN C 99 33.59 3.92 1.42
CA ASN C 99 32.54 4.74 2.01
C ASN C 99 31.19 4.27 1.50
N PRO C 100 30.12 4.44 2.30
CA PRO C 100 30.13 5.00 3.66
C PRO C 100 30.22 3.94 4.77
N TRP C 101 30.91 2.84 4.52
CA TRP C 101 31.15 1.84 5.57
C TRP C 101 29.85 1.40 6.24
N LEU C 102 29.81 1.44 7.57
CA LEU C 102 28.62 1.07 8.32
C LEU C 102 27.89 2.26 8.96
N ASP C 103 28.21 3.48 8.50
CA ASP C 103 27.69 4.70 9.14
C ASP C 103 26.16 4.85 9.15
N PHE C 104 25.47 4.01 8.38
CA PHE C 104 24.02 4.05 8.28
C PHE C 104 23.37 2.87 9.02
N VAL C 105 24.13 1.79 9.17
CA VAL C 105 23.63 0.57 9.82
C VAL C 105 23.04 0.87 11.21
N HIS C 106 22.07 0.04 11.62
CA HIS C 106 21.44 0.19 12.92
C HIS C 106 22.33 -0.30 14.01
N ALA C 107 22.33 0.43 15.11
CA ALA C 107 23.16 0.10 16.26
C ALA C 107 23.05 -1.36 16.70
N SER C 108 21.85 -1.92 16.55
CA SER C 108 21.57 -3.28 16.99
C SER C 108 22.21 -4.34 16.10
N HIS C 109 22.35 -4.03 14.81
CA HIS C 109 22.93 -4.98 13.86
C HIS C 109 24.37 -4.67 13.55
N ALA C 110 24.79 -3.46 13.92
CA ALA C 110 26.13 -2.97 13.58
C ALA C 110 27.23 -3.96 13.93
N GLY C 111 27.28 -4.37 15.20
CA GLY C 111 28.29 -5.30 15.69
C GLY C 111 28.44 -6.58 14.87
N ASP C 112 27.31 -7.21 14.58
CA ASP C 112 27.33 -8.48 13.84
C ASP C 112 27.70 -8.27 12.37
N ILE C 113 27.23 -7.17 11.79
CA ILE C 113 27.57 -6.87 10.39
C ILE C 113 29.05 -6.58 10.25
N ALA C 114 29.57 -5.75 11.16
CA ALA C 114 31.01 -5.47 11.24
C ALA C 114 31.83 -6.75 11.32
N GLU C 115 31.46 -7.63 12.25
CA GLU C 115 32.23 -8.85 12.43
C GLU C 115 32.19 -9.69 11.14
N SER C 116 31.02 -9.77 10.52
CA SER C 116 30.89 -10.54 9.29
C SER C 116 31.75 -9.97 8.15
N VAL C 117 31.70 -8.65 7.99
CA VAL C 117 32.49 -7.97 6.95
C VAL C 117 34.01 -8.05 7.18
N ASN C 118 34.45 -7.81 8.41
CA ASN C 118 35.87 -7.88 8.72
C ASN C 118 36.42 -9.30 8.53
N ASP C 119 35.65 -10.30 8.98
CA ASP C 119 36.00 -11.71 8.75
C ASP C 119 36.10 -12.01 7.26
N GLU C 120 35.15 -11.46 6.51
CA GLU C 120 35.12 -11.62 5.06
C GLU C 120 36.41 -11.09 4.41
N PHE C 121 36.83 -9.90 4.83
CA PHE C 121 38.09 -9.32 4.33
C PHE C 121 39.30 -10.15 4.70
N SER C 122 39.31 -10.69 5.92
CA SER C 122 40.43 -11.56 6.33
C SER C 122 40.52 -12.82 5.45
N ASP C 123 39.35 -13.43 5.21
CA ASP C 123 39.23 -14.58 4.32
C ASP C 123 39.68 -14.26 2.89
N MET C 124 39.26 -13.11 2.34
CA MET C 124 39.74 -12.64 1.03
C MET C 124 41.27 -12.52 1.00
N CYS C 125 41.83 -11.91 2.04
CA CYS C 125 43.27 -11.70 2.10
C CYS C 125 44.06 -13.01 2.07
N GLY C 126 43.57 -14.03 2.78
CA GLY C 126 44.19 -15.36 2.75
C GLY C 126 44.22 -16.05 1.38
N LYS C 127 43.35 -15.63 0.46
CA LYS C 127 43.26 -16.25 -0.86
C LYS C 127 44.48 -15.97 -1.76
N HIS C 128 45.13 -14.82 -1.55
CA HIS C 128 46.37 -14.48 -2.25
C HIS C 128 47.40 -14.04 -1.23
N HIS C 129 47.96 -15.00 -0.52
CA HIS C 129 48.69 -14.73 0.71
C HIS C 129 49.96 -13.95 0.49
N GLY C 130 50.09 -12.83 1.21
CA GLY C 130 51.27 -11.98 1.13
C GLY C 130 51.10 -10.87 0.11
N ARG C 131 49.95 -10.83 -0.56
CA ARG C 131 49.68 -9.77 -1.53
C ARG C 131 48.58 -8.86 -1.04
N LEU C 132 47.90 -9.26 0.04
CA LEU C 132 46.74 -8.49 0.49
C LEU C 132 46.68 -8.34 2.01
N PHE C 133 46.33 -7.12 2.44
CA PHE C 133 46.11 -6.81 3.84
C PHE C 133 44.92 -5.88 3.88
N PHE C 134 44.40 -5.57 5.06
CA PHE C 134 43.21 -4.72 5.08
C PHE C 134 43.07 -3.83 6.30
N PHE C 135 42.43 -2.69 6.10
CA PHE C 135 41.93 -1.89 7.20
C PHE C 135 40.51 -2.36 7.43
N GLY C 136 40.13 -2.53 8.69
CA GLY C 136 38.82 -3.06 9.02
C GLY C 136 37.82 -1.93 9.18
N THR C 137 36.57 -2.29 9.33
CA THR C 137 35.55 -1.28 9.54
C THR C 137 34.97 -1.41 10.94
N LEU C 138 34.48 -0.31 11.49
CA LEU C 138 33.97 -0.28 12.86
C LEU C 138 32.47 0.02 12.96
N PRO C 139 31.79 -0.65 13.90
CA PRO C 139 30.37 -0.39 14.10
C PRO C 139 30.15 0.90 14.84
N LEU C 140 30.46 2.02 14.22
CA LEU C 140 30.41 3.32 14.91
C LEU C 140 29.02 3.81 15.33
N THR C 141 27.98 3.02 15.08
CA THR C 141 26.64 3.39 15.53
C THR C 141 26.24 2.58 16.77
N ALA C 142 26.95 1.48 17.00
CA ALA C 142 26.80 0.67 18.20
C ALA C 142 27.30 1.42 19.44
N PRO C 143 26.92 0.94 20.64
CA PRO C 143 27.48 1.49 21.88
C PRO C 143 28.96 1.13 22.09
N LEU C 144 29.62 1.91 22.95
CA LEU C 144 31.06 1.79 23.22
C LEU C 144 31.57 0.35 23.45
N GLU C 145 30.82 -0.41 24.24
CA GLU C 145 31.22 -1.77 24.62
C GLU C 145 31.36 -2.67 23.38
N THR C 146 30.45 -2.47 22.44
CA THR C 146 30.44 -3.22 21.18
C THR C 146 31.59 -2.76 20.28
N LEU C 147 31.83 -1.45 20.25
CA LEU C 147 32.97 -0.85 19.55
C LEU C 147 34.29 -1.43 20.05
N LEU C 148 34.43 -1.49 21.37
CA LEU C 148 35.60 -2.06 22.04
C LEU C 148 35.81 -3.52 21.67
N ALA C 149 34.71 -4.27 21.61
CA ALA C 149 34.76 -5.68 21.21
C ALA C 149 35.25 -5.83 19.77
N SER C 150 34.83 -4.89 18.91
CA SER C 150 35.26 -4.88 17.52
C SER C 150 36.75 -4.66 17.44
N ILE C 151 37.21 -3.66 18.18
CA ILE C 151 38.62 -3.33 18.20
C ILE C 151 39.45 -4.53 18.61
N SER C 152 39.00 -5.25 19.64
CA SER C 152 39.70 -6.45 20.08
C SER C 152 39.73 -7.53 18.99
N HIS C 153 38.58 -7.74 18.37
CA HIS C 153 38.45 -8.71 17.28
C HIS C 153 39.42 -8.42 16.14
N LEU C 154 39.46 -7.15 15.71
CA LEU C 154 40.34 -6.71 14.63
C LEU C 154 41.82 -6.82 15.01
N ALA C 155 42.12 -6.46 16.26
CA ALA C 155 43.47 -6.57 16.81
C ALA C 155 44.04 -7.97 16.65
N ALA C 156 43.18 -8.98 16.76
CA ALA C 156 43.66 -10.36 16.59
C ALA C 156 43.34 -10.97 15.22
N LEU C 157 42.69 -10.22 14.35
CA LEU C 157 42.24 -10.77 13.07
C LEU C 157 43.32 -10.81 12.00
N LYS C 158 43.59 -11.99 11.46
CA LYS C 158 44.64 -12.19 10.44
C LYS C 158 44.53 -11.22 9.25
N TYR C 159 45.67 -10.60 8.91
CA TYR C 159 45.82 -9.64 7.80
C TYR C 159 45.27 -8.24 8.06
N CYS C 160 44.66 -8.01 9.22
CA CYS C 160 44.19 -6.68 9.55
C CYS C 160 45.36 -5.82 10.01
N ARG C 161 45.42 -4.58 9.56
CA ARG C 161 46.54 -3.72 9.92
C ARG C 161 46.07 -2.38 10.44
N GLY C 162 44.76 -2.19 10.48
CA GLY C 162 44.21 -0.92 10.93
C GLY C 162 42.72 -0.87 10.67
N VAL C 163 42.17 0.32 10.70
CA VAL C 163 40.75 0.52 10.47
C VAL C 163 40.61 1.73 9.59
N ILE C 164 39.57 1.73 8.77
CA ILE C 164 39.25 2.89 7.95
C ILE C 164 38.05 3.52 8.62
N LEU C 165 38.06 4.84 8.73
CA LEU C 165 36.87 5.51 9.23
C LEU C 165 36.59 6.85 8.56
N GLY C 166 35.32 7.21 8.50
CA GLY C 166 34.91 8.45 7.89
C GLY C 166 35.02 9.58 8.87
N THR C 167 34.46 10.74 8.54
CA THR C 167 34.67 11.92 9.36
C THR C 167 33.54 12.23 10.33
N SER C 168 32.50 11.41 10.36
CA SER C 168 31.36 11.73 11.23
C SER C 168 31.48 11.09 12.62
N GLY C 169 32.34 10.08 12.73
CA GLY C 169 32.64 9.48 14.02
C GLY C 169 31.46 8.77 14.62
N LEU C 170 30.97 9.27 15.73
CA LEU C 170 29.79 8.71 16.37
C LEU C 170 28.54 9.50 15.98
N GLY C 171 28.66 10.35 14.96
CA GLY C 171 27.58 11.24 14.57
C GLY C 171 27.81 12.73 14.82
N LYS C 172 28.69 13.08 15.75
CA LYS C 172 29.00 14.50 15.99
C LYS C 172 30.38 14.94 15.48
N GLY C 173 31.01 14.10 14.65
CA GLY C 173 32.31 14.44 14.10
C GLY C 173 33.44 13.94 14.97
N LEU C 174 34.67 14.25 14.56
CA LEU C 174 35.85 13.66 15.18
C LEU C 174 36.36 14.35 16.46
N ASP C 175 35.92 15.58 16.69
CA ASP C 175 36.26 16.27 17.94
C ASP C 175 35.24 15.90 19.02
N ASP C 176 34.56 14.78 18.83
CA ASP C 176 33.59 14.30 19.81
C ASP C 176 34.33 13.62 20.94
N PRO C 177 34.22 14.16 22.17
CA PRO C 177 34.93 13.60 23.32
C PRO C 177 34.61 12.12 23.52
N HIS C 178 33.40 11.71 23.15
CA HIS C 178 33.00 10.31 23.30
C HIS C 178 33.80 9.39 22.44
N LEU C 179 34.55 9.96 21.52
CA LEU C 179 35.35 9.18 20.58
C LEU C 179 36.73 8.83 21.16
N ILE C 180 37.18 9.58 22.17
CA ILE C 180 38.51 9.39 22.76
C ILE C 180 38.82 7.95 23.20
N PRO C 181 37.90 7.28 23.94
CA PRO C 181 38.18 5.89 24.35
C PRO C 181 38.39 4.96 23.16
N ILE C 182 37.72 5.25 22.04
CA ILE C 182 37.86 4.43 20.84
C ILE C 182 39.24 4.66 20.21
N PHE C 183 39.64 5.93 20.17
CA PHE C 183 40.99 6.28 19.72
C PHE C 183 42.03 5.61 20.61
N GLU C 184 41.81 5.66 21.92
CA GLU C 184 42.76 5.07 22.86
C GLU C 184 42.86 3.56 22.67
N ALA C 185 41.72 2.91 22.50
CA ALA C 185 41.70 1.46 22.27
C ALA C 185 42.43 1.07 20.99
N LEU C 186 42.23 1.85 19.93
CA LEU C 186 42.88 1.58 18.64
C LEU C 186 44.41 1.76 18.74
N ALA C 187 44.81 2.86 19.39
CA ALA C 187 46.22 3.17 19.60
C ALA C 187 46.94 2.07 20.40
N ALA C 188 46.30 1.61 21.47
CA ALA C 188 46.90 0.58 22.31
C ALA C 188 46.95 -0.75 21.58
N ALA C 189 46.06 -0.94 20.61
CA ALA C 189 46.06 -2.17 19.82
C ALA C 189 47.04 -2.11 18.64
N ASN C 190 47.67 -0.96 18.44
CA ASN C 190 48.50 -0.67 17.27
C ASN C 190 47.71 -0.80 15.96
N LEU C 191 46.52 -0.23 15.94
CA LEU C 191 45.68 -0.22 14.74
C LEU C 191 45.72 1.18 14.15
N THR C 192 46.42 1.31 13.02
CA THR C 192 46.50 2.58 12.32
C THR C 192 45.12 2.96 11.75
N ILE C 193 44.79 4.24 11.79
CA ILE C 193 43.53 4.73 11.26
C ILE C 193 43.75 5.34 9.89
N PHE C 194 42.92 4.91 8.93
CA PHE C 194 42.92 5.49 7.61
C PHE C 194 41.69 6.37 7.59
N LEU C 195 41.90 7.68 7.72
CA LEU C 195 40.79 8.62 7.75
C LEU C 195 40.41 9.00 6.32
N HIS C 196 39.14 8.77 5.99
CA HIS C 196 38.71 8.86 4.61
C HIS C 196 37.44 9.68 4.49
N PRO C 197 37.35 10.52 3.45
CA PRO C 197 36.16 11.39 3.33
C PRO C 197 34.94 10.64 2.78
N HIS C 198 33.77 11.27 2.85
CA HIS C 198 32.56 10.76 2.23
C HIS C 198 31.43 11.78 2.18
N TYR C 199 31.28 12.52 3.28
CA TYR C 199 30.13 13.42 3.44
C TYR C 199 30.25 14.73 2.70
N GLY C 200 31.47 15.07 2.27
CA GLY C 200 31.72 16.31 1.55
C GLY C 200 31.19 17.56 2.25
N LEU C 201 30.79 18.54 1.47
CA LEU C 201 30.23 19.79 1.97
C LEU C 201 28.75 19.89 1.61
N PRO C 202 27.99 20.75 2.31
CA PRO C 202 26.57 20.92 1.96
C PRO C 202 26.46 21.26 0.47
N ASN C 203 25.54 20.58 -0.21
CA ASN C 203 25.40 20.65 -1.65
C ASN C 203 25.22 22.07 -2.20
N ASP C 204 24.71 22.97 -1.39
CA ASP C 204 24.47 24.32 -1.85
C ASP C 204 25.71 25.19 -2.11
N VAL C 205 26.87 24.77 -1.61
CA VAL C 205 28.11 25.53 -1.87
C VAL C 205 28.56 25.40 -3.33
N TRP C 206 28.11 24.32 -3.99
CA TRP C 206 28.37 24.14 -5.42
C TRP C 206 27.63 25.10 -6.31
N GLY C 207 26.53 25.66 -5.82
CA GLY C 207 25.80 26.66 -6.60
C GLY C 207 24.78 26.05 -7.54
N PRO C 208 24.08 26.92 -8.28
CA PRO C 208 22.96 26.48 -9.10
C PRO C 208 23.34 25.79 -10.41
N ARG C 209 24.57 25.92 -10.87
CA ARG C 209 24.97 25.30 -12.15
C ARG C 209 25.69 23.97 -11.96
N ALA C 210 25.75 23.53 -10.70
CA ALA C 210 26.53 22.35 -10.32
C ALA C 210 26.27 21.10 -11.16
N GLY C 211 25.07 21.01 -11.74
CA GLY C 211 24.70 19.87 -12.56
C GLY C 211 25.48 19.79 -13.85
N GLU C 212 25.95 20.96 -14.33
CA GLU C 212 26.69 21.04 -15.57
C GLU C 212 28.13 20.56 -15.46
N TYR C 213 28.53 20.15 -14.26
CA TYR C 213 29.93 19.85 -13.98
C TYR C 213 30.17 18.42 -13.50
N GLY C 214 29.19 17.54 -13.70
CA GLY C 214 29.32 16.15 -13.30
C GLY C 214 29.60 15.97 -11.81
N HIS C 215 30.52 15.07 -11.50
CA HIS C 215 30.93 14.83 -10.13
C HIS C 215 32.13 15.65 -9.70
N VAL C 216 32.59 16.58 -10.54
CA VAL C 216 33.89 17.22 -10.33
C VAL C 216 33.99 18.01 -9.02
N LEU C 217 33.04 18.91 -8.77
CA LEU C 217 33.05 19.65 -7.51
C LEU C 217 33.03 18.75 -6.26
N PRO C 218 31.98 17.91 -6.08
CA PRO C 218 32.00 17.02 -4.92
C PRO C 218 33.29 16.21 -4.74
N LEU C 219 33.90 15.74 -5.84
CA LEU C 219 35.02 14.81 -5.73
C LEU C 219 36.40 15.47 -5.71
N ALA C 220 36.57 16.55 -6.46
CA ALA C 220 37.86 17.21 -6.50
C ALA C 220 38.04 18.19 -5.33
N LEU C 221 36.94 18.80 -4.88
CA LEU C 221 37.00 19.79 -3.81
C LEU C 221 36.37 19.31 -2.53
N GLY C 222 35.15 18.78 -2.62
CA GLY C 222 34.36 18.38 -1.45
C GLY C 222 35.05 17.35 -0.58
N PHE C 223 35.46 16.23 -1.18
CA PHE C 223 36.18 15.20 -0.43
C PHE C 223 37.39 15.75 0.35
N PRO C 224 38.42 16.28 -0.35
CA PRO C 224 39.59 16.70 0.42
C PRO C 224 39.34 17.84 1.41
N MET C 225 38.36 18.71 1.12
CA MET C 225 38.03 19.77 2.07
C MET C 225 37.42 19.19 3.34
N GLU C 226 36.49 18.25 3.17
CA GLU C 226 35.91 17.51 4.27
C GLU C 226 37.01 16.93 5.17
N THR C 227 38.01 16.30 4.55
CA THR C 227 39.13 15.73 5.31
C THR C 227 39.91 16.78 6.10
N THR C 228 40.29 17.87 5.43
CA THR C 228 40.98 18.96 6.10
C THR C 228 40.21 19.47 7.32
N ILE C 229 38.89 19.61 7.18
CA ILE C 229 38.05 20.14 8.26
C ILE C 229 37.99 19.17 9.45
N ALA C 230 37.85 17.89 9.16
CA ALA C 230 37.77 16.91 10.22
C ALA C 230 39.08 16.82 11.00
N VAL C 231 40.22 16.80 10.31
CA VAL C 231 41.51 16.76 10.97
C VAL C 231 41.81 18.05 11.76
N ALA C 232 41.48 19.21 11.20
CA ALA C 232 41.67 20.47 11.91
C ALA C 232 40.83 20.50 13.19
N ARG C 233 39.59 20.02 13.12
CA ARG C 233 38.76 19.91 14.30
C ARG C 233 39.38 18.98 15.34
N MET C 234 39.86 17.81 14.91
CA MET C 234 40.56 16.89 15.80
C MET C 234 41.72 17.58 16.50
N TYR C 235 42.53 18.27 15.70
CA TYR C 235 43.71 18.94 16.18
C TYR C 235 43.38 19.99 17.26
N LEU C 236 42.50 20.93 16.92
CA LEU C 236 42.10 21.99 17.85
C LEU C 236 41.48 21.47 19.15
N ALA C 237 40.87 20.28 19.10
CA ALA C 237 40.27 19.64 20.26
C ALA C 237 41.32 18.96 21.12
N GLY C 238 42.56 18.97 20.64
CA GLY C 238 43.66 18.35 21.34
C GLY C 238 43.69 16.83 21.30
N VAL C 239 42.88 16.21 20.43
CA VAL C 239 42.83 14.75 20.30
C VAL C 239 44.22 14.13 20.17
N PHE C 240 45.08 14.75 19.36
CA PHE C 240 46.44 14.23 19.14
C PHE C 240 47.32 14.32 20.39
N ASP C 241 47.09 15.33 21.22
CA ASP C 241 47.73 15.44 22.53
C ASP C 241 47.19 14.44 23.55
N GLN C 242 45.91 14.11 23.44
CA GLN C 242 45.21 13.29 24.42
C GLN C 242 45.47 11.82 24.19
N VAL C 243 45.66 11.45 22.94
CA VAL C 243 45.99 10.07 22.60
C VAL C 243 47.30 10.11 21.81
N ARG C 244 48.42 10.04 22.52
CA ARG C 244 49.74 10.24 21.91
C ARG C 244 50.17 9.07 21.05
N ASP C 245 49.66 7.89 21.34
CA ASP C 245 50.02 6.70 20.59
C ASP C 245 49.21 6.53 19.30
N LEU C 246 48.30 7.46 19.05
CA LEU C 246 47.45 7.40 17.86
C LEU C 246 48.25 7.63 16.59
N ARG C 247 48.11 6.72 15.64
CA ARG C 247 48.69 6.87 14.30
C ARG C 247 47.58 6.89 13.27
N MET C 248 47.72 7.76 12.29
CA MET C 248 46.62 8.05 11.39
C MET C 248 47.12 8.39 9.97
N VAL C 249 46.65 7.65 8.98
CA VAL C 249 46.91 7.96 7.57
C VAL C 249 45.75 8.78 7.00
N LEU C 250 46.07 9.91 6.34
CA LEU C 250 45.06 10.79 5.75
C LEU C 250 44.91 10.57 4.24
N ALA C 251 43.68 10.28 3.82
CA ALA C 251 43.35 10.17 2.41
C ALA C 251 43.72 11.43 1.63
N HIS C 252 44.20 11.23 0.41
CA HIS C 252 44.44 12.34 -0.53
C HIS C 252 45.44 13.35 -0.02
N SER C 253 46.49 12.84 0.63
CA SER C 253 47.59 13.67 1.14
C SER C 253 47.11 14.76 2.10
N GLY C 254 46.15 14.44 2.96
CA GLY C 254 45.67 15.39 3.93
C GLY C 254 44.58 16.30 3.39
N GLY C 255 44.21 16.09 2.14
CA GLY C 255 43.15 16.90 1.57
C GLY C 255 43.72 18.21 1.07
N THR C 256 43.87 19.17 1.98
CA THR C 256 44.48 20.45 1.64
C THR C 256 45.35 20.87 2.83
N LEU C 257 45.49 19.95 3.79
CA LEU C 257 46.18 20.23 5.04
C LEU C 257 47.63 20.70 4.90
N PRO C 258 48.48 19.99 4.12
CA PRO C 258 49.84 20.48 3.95
C PRO C 258 49.89 21.92 3.45
N PHE C 259 48.96 22.30 2.58
CA PHE C 259 48.95 23.63 2.02
C PHE C 259 48.48 24.69 3.03
N LEU C 260 47.63 24.29 3.98
CA LEU C 260 47.00 25.24 4.89
C LEU C 260 47.58 25.26 6.31
N ALA C 261 48.48 24.32 6.62
CA ALA C 261 49.05 24.17 7.95
C ALA C 261 49.62 25.50 8.46
N GLY C 262 50.35 26.20 7.59
CA GLY C 262 50.87 27.50 7.94
C GLY C 262 49.78 28.48 8.32
N ARG C 263 48.73 28.54 7.52
CA ARG C 263 47.60 29.41 7.82
C ARG C 263 46.97 29.05 9.17
N ILE C 264 46.80 27.76 9.42
CA ILE C 264 46.18 27.29 10.64
C ILE C 264 46.98 27.79 11.83
N GLU C 265 48.29 27.55 11.79
CA GLU C 265 49.17 27.99 12.85
C GLU C 265 49.11 29.50 13.09
N SER C 266 49.29 30.29 12.03
CA SER C 266 49.22 31.73 12.21
C SER C 266 47.87 32.18 12.77
N CYS C 267 46.78 31.49 12.39
CA CYS C 267 45.47 31.85 12.91
C CYS C 267 45.33 31.54 14.40
N ILE C 268 45.88 30.41 14.84
CA ILE C 268 45.88 30.09 16.27
C ILE C 268 46.68 31.13 17.04
N PHE C 269 47.89 31.41 16.58
CA PHE C 269 48.74 32.40 17.19
C PHE C 269 48.02 33.74 17.33
N HIS C 270 47.19 34.08 16.35
CA HIS C 270 46.56 35.41 16.32
C HIS C 270 45.13 35.40 16.79
N ASP C 271 44.70 34.31 17.40
CA ASP C 271 43.34 34.22 17.91
C ASP C 271 43.20 34.75 19.34
N GLY C 272 42.58 35.92 19.48
CA GLY C 272 42.35 36.54 20.77
C GLY C 272 41.74 35.62 21.82
N GLN C 273 40.68 34.90 21.46
CA GLN C 273 40.07 33.98 22.42
C GLN C 273 41.06 32.92 22.82
N LEU C 274 41.69 32.28 21.83
CA LEU C 274 42.56 31.15 22.13
C LEU C 274 43.79 31.54 22.95
N VAL C 275 44.36 32.72 22.65
CA VAL C 275 45.49 33.22 23.43
C VAL C 275 45.05 33.46 24.86
N ARG C 276 43.94 34.19 25.01
CA ARG C 276 43.43 34.57 26.32
C ARG C 276 43.13 33.37 27.25
N GLN C 277 42.55 32.30 26.73
CA GLN C 277 42.30 31.12 27.56
C GLN C 277 43.58 30.33 27.85
N GLY C 278 44.70 30.85 27.40
CA GLY C 278 45.97 30.15 27.58
C GLY C 278 46.04 28.85 26.80
N LYS C 279 45.37 28.82 25.65
CA LYS C 279 45.40 27.66 24.77
C LYS C 279 46.60 27.69 23.82
N VAL C 280 47.27 28.84 23.73
CA VAL C 280 48.46 28.99 22.89
C VAL C 280 49.75 29.01 23.73
N GLY C 281 49.97 27.95 24.51
CA GLY C 281 51.16 27.84 25.36
C GLY C 281 52.46 27.81 24.58
N GLU C 282 53.56 28.08 25.26
CA GLU C 282 54.89 28.13 24.63
C GLU C 282 55.39 26.75 24.24
N ASN C 283 54.86 25.72 24.91
CA ASN C 283 55.21 24.33 24.62
C ASN C 283 54.08 23.52 23.97
N ARG C 284 53.19 24.22 23.26
CA ARG C 284 52.12 23.56 22.52
C ARG C 284 52.68 22.73 21.36
N ARG C 285 52.16 21.52 21.18
CA ARG C 285 52.46 20.73 19.99
C ARG C 285 51.73 21.30 18.78
N THR C 286 52.51 21.68 17.78
CA THR C 286 51.99 22.37 16.61
C THR C 286 51.44 21.40 15.58
N VAL C 287 50.78 21.94 14.55
CA VAL C 287 50.29 21.12 13.46
C VAL C 287 51.46 20.40 12.79
N TRP C 288 52.57 21.11 12.62
CA TRP C 288 53.80 20.52 12.11
C TRP C 288 54.32 19.35 12.92
N ASP C 289 54.31 19.45 14.25
CA ASP C 289 54.68 18.32 15.09
C ASP C 289 53.81 17.11 14.77
N VAL C 290 52.50 17.34 14.71
CA VAL C 290 51.54 16.25 14.52
C VAL C 290 51.71 15.62 13.15
N LEU C 291 51.98 16.44 12.14
CA LEU C 291 52.29 15.91 10.80
C LEU C 291 53.60 15.13 10.75
N LYS C 292 54.53 15.36 11.68
CA LYS C 292 55.78 14.60 11.67
C LYS C 292 55.79 13.42 12.64
N GLU C 293 54.83 13.35 13.57
CA GLU C 293 54.89 12.33 14.62
C GLU C 293 53.71 11.37 14.66
N GLN C 294 52.52 11.85 14.37
CA GLN C 294 51.34 10.99 14.51
C GLN C 294 50.58 10.73 13.21
N VAL C 295 50.70 11.64 12.26
CA VAL C 295 49.93 11.59 11.03
C VAL C 295 50.80 11.16 9.85
N TYR C 296 50.24 10.31 9.00
CA TYR C 296 50.87 9.96 7.72
C TYR C 296 49.93 10.41 6.61
N LEU C 297 50.47 10.53 5.40
CA LEU C 297 49.72 11.04 4.27
C LEU C 297 49.75 10.04 3.12
N ASP C 298 48.63 9.81 2.44
CA ASP C 298 48.74 8.98 1.23
C ASP C 298 49.20 9.86 0.06
N ALA C 299 49.68 9.23 -1.00
CA ALA C 299 50.23 9.99 -2.13
C ALA C 299 49.24 10.28 -3.27
N VAL C 300 47.94 10.18 -2.98
CA VAL C 300 46.92 10.40 -4.00
C VAL C 300 46.69 11.89 -4.20
N ILE C 301 47.61 12.53 -4.92
CA ILE C 301 47.55 13.96 -5.13
C ILE C 301 47.47 14.28 -6.62
N TYR C 302 47.92 13.35 -7.46
CA TYR C 302 47.83 13.48 -8.92
C TYR C 302 48.84 14.45 -9.54
N SER C 303 49.48 15.26 -8.72
CA SER C 303 50.46 16.22 -9.23
C SER C 303 51.67 16.30 -8.33
N GLU C 304 52.82 16.62 -8.93
CA GLU C 304 54.05 16.76 -8.18
C GLU C 304 54.03 18.05 -7.36
N VAL C 305 53.19 19.00 -7.76
CA VAL C 305 53.07 20.28 -7.05
C VAL C 305 52.61 20.02 -5.62
N GLY C 306 51.44 19.38 -5.54
CA GLY C 306 50.88 18.92 -4.28
C GLY C 306 51.72 17.88 -3.56
N LEU C 307 52.28 16.91 -4.28
CA LEU C 307 53.01 15.86 -3.60
C LEU C 307 54.24 16.46 -2.92
N LYS C 308 54.93 17.34 -3.64
CA LYS C 308 56.11 17.99 -3.11
C LYS C 308 55.76 18.76 -1.84
N ALA C 309 54.60 19.41 -1.82
CA ALA C 309 54.19 20.08 -0.59
C ALA C 309 53.90 19.08 0.53
N ALA C 310 53.28 17.96 0.20
CA ALA C 310 52.99 16.93 1.20
C ALA C 310 54.28 16.40 1.83
N ILE C 311 55.27 16.17 1.00
CA ILE C 311 56.59 15.73 1.41
C ILE C 311 57.29 16.77 2.28
N ASP C 312 57.18 18.04 1.90
CA ASP C 312 57.71 19.11 2.75
C ASP C 312 57.07 19.08 4.12
N ALA C 313 55.77 18.77 4.18
CA ALA C 313 55.02 18.90 5.41
C ALA C 313 55.22 17.70 6.33
N SER C 314 55.44 16.52 5.76
CA SER C 314 55.48 15.31 6.57
C SER C 314 56.80 14.57 6.46
N GLY C 315 57.54 14.86 5.39
CA GLY C 315 58.80 14.15 5.14
C GLY C 315 58.57 12.91 4.32
N SER C 316 59.53 12.60 3.45
CA SER C 316 59.40 11.48 2.52
C SER C 316 59.14 10.11 3.19
N ASP C 317 59.56 9.96 4.44
CA ASP C 317 59.34 8.69 5.12
C ASP C 317 57.90 8.53 5.63
N ARG C 318 57.04 9.52 5.37
CA ARG C 318 55.65 9.50 5.86
C ARG C 318 54.57 9.57 4.74
N LEU C 319 55.00 9.47 3.49
CA LEU C 319 54.10 9.43 2.33
C LEU C 319 53.98 8.01 1.79
N MET C 320 52.75 7.61 1.44
CA MET C 320 52.47 6.23 1.01
C MET C 320 51.59 6.20 -0.22
N PHE C 321 52.06 5.53 -1.27
CA PHE C 321 51.37 5.44 -2.55
C PHE C 321 50.00 4.75 -2.44
N GLY C 322 49.03 5.30 -3.15
CA GLY C 322 47.70 4.75 -3.21
C GLY C 322 47.14 4.99 -4.60
N THR C 323 46.05 4.29 -4.93
CA THR C 323 45.46 4.43 -6.26
C THR C 323 44.01 4.89 -6.20
N ASP C 324 43.33 4.57 -5.08
CA ASP C 324 41.91 4.87 -4.93
C ASP C 324 41.06 4.02 -5.86
N HIS C 325 41.57 2.83 -6.19
CA HIS C 325 40.85 1.86 -7.00
C HIS C 325 39.65 1.34 -6.26
N PRO C 326 38.53 1.18 -6.96
CA PRO C 326 38.41 1.43 -8.39
C PRO C 326 37.46 2.57 -8.71
N PHE C 327 37.55 3.66 -7.95
CA PHE C 327 36.64 4.77 -8.14
C PHE C 327 36.88 5.62 -9.37
N PHE C 328 38.04 5.49 -9.99
CA PHE C 328 38.33 6.30 -11.18
C PHE C 328 38.76 5.52 -12.43
N PRO C 329 37.86 4.67 -12.96
CA PRO C 329 38.15 3.88 -14.15
C PRO C 329 38.23 4.77 -15.40
N PRO C 330 38.97 4.31 -16.43
CA PRO C 330 39.03 5.00 -17.71
C PRO C 330 37.61 5.17 -18.30
N ILE C 331 37.37 6.25 -19.01
CA ILE C 331 36.08 6.48 -19.66
C ILE C 331 36.21 6.09 -21.12
N THR C 332 37.36 6.42 -21.69
CA THR C 332 37.63 6.32 -23.13
C THR C 332 38.27 4.98 -23.54
N THR C 333 38.91 4.30 -22.59
CA THR C 333 39.67 3.11 -22.94
C THR C 333 39.27 1.90 -22.10
N ASP C 334 39.97 0.80 -22.33
CA ASP C 334 39.61 -0.48 -21.75
C ASP C 334 39.91 -0.58 -20.24
N GLU C 335 38.85 -0.79 -19.45
CA GLU C 335 38.96 -0.94 -18.01
C GLU C 335 39.84 -2.10 -17.56
N GLN C 336 40.26 -2.94 -18.49
CA GLN C 336 41.15 -4.05 -18.15
C GLN C 336 42.60 -3.71 -18.50
N GLY C 337 42.80 -2.54 -19.09
CA GLY C 337 44.13 -2.00 -19.36
C GLY C 337 44.62 -0.97 -18.35
N GLN C 338 45.42 -0.01 -18.81
CA GLN C 338 46.01 1.00 -17.93
C GLN C 338 45.00 2.03 -17.45
N TRP C 339 45.01 2.32 -16.15
CA TRP C 339 44.23 3.44 -15.59
C TRP C 339 45.08 4.71 -15.53
N GLU C 340 44.54 5.80 -16.06
CA GLU C 340 45.22 7.08 -16.02
C GLU C 340 45.37 7.57 -14.58
N SER C 341 44.43 7.18 -13.74
CA SER C 341 44.40 7.59 -12.35
C SER C 341 45.57 7.01 -11.56
N VAL C 342 46.20 5.97 -12.09
CA VAL C 342 47.38 5.37 -11.48
C VAL C 342 48.63 5.97 -12.10
N SER C 343 48.55 6.24 -13.40
CA SER C 343 49.64 6.83 -14.13
C SER C 343 50.01 8.23 -13.60
N LEU C 344 49.00 9.05 -13.32
CA LEU C 344 49.23 10.41 -12.83
C LEU C 344 49.92 10.40 -11.45
N ASN C 345 49.54 9.47 -10.60
CA ASN C 345 50.18 9.36 -9.30
C ASN C 345 51.62 8.85 -9.36
N ALA C 346 51.85 7.80 -10.16
CA ALA C 346 53.20 7.30 -10.41
C ALA C 346 54.10 8.41 -10.96
N GLN C 347 53.58 9.14 -11.95
CA GLN C 347 54.28 10.24 -12.54
C GLN C 347 54.54 11.37 -11.52
N ALA C 348 53.62 11.59 -10.58
CA ALA C 348 53.82 12.61 -9.55
C ALA C 348 54.98 12.22 -8.62
N VAL C 349 55.04 10.95 -8.23
CA VAL C 349 56.15 10.46 -7.42
C VAL C 349 57.47 10.65 -8.18
N ALA C 350 57.47 10.28 -9.44
CA ALA C 350 58.68 10.32 -10.24
C ALA C 350 59.17 11.74 -10.41
N GLU C 351 58.26 12.68 -10.65
CA GLU C 351 58.65 14.06 -10.85
C GLU C 351 58.98 14.76 -9.53
N ALA C 352 58.45 14.24 -8.43
CA ALA C 352 58.70 14.87 -7.14
C ALA C 352 60.07 14.52 -6.60
N VAL C 353 60.40 13.23 -6.62
CA VAL C 353 61.60 12.77 -5.95
C VAL C 353 62.57 11.99 -6.84
N GLY C 354 62.22 11.84 -8.12
CA GLY C 354 63.07 11.17 -9.08
C GLY C 354 62.76 9.69 -9.21
N GLU C 355 62.85 9.19 -10.43
CA GLU C 355 62.71 7.75 -10.73
C GLU C 355 63.76 6.92 -9.99
N GLY C 356 63.29 5.93 -9.24
CA GLY C 356 64.19 5.02 -8.54
C GLY C 356 65.14 5.62 -7.50
N SER C 357 64.85 6.81 -7.02
CA SER C 357 65.58 7.34 -5.86
C SER C 357 65.12 6.57 -4.62
N ALA C 358 65.89 6.66 -3.54
CA ALA C 358 65.55 5.95 -2.32
C ALA C 358 64.18 6.40 -1.79
N GLU C 359 63.89 7.69 -1.95
CA GLU C 359 62.59 8.28 -1.57
C GLU C 359 61.44 7.69 -2.38
N ALA C 360 61.69 7.48 -3.67
CA ALA C 360 60.67 6.95 -4.57
C ALA C 360 60.35 5.54 -4.11
N ARG C 361 61.40 4.79 -3.80
CA ARG C 361 61.24 3.44 -3.29
C ARG C 361 60.43 3.41 -1.99
N ALA C 362 60.67 4.38 -1.11
CA ALA C 362 59.91 4.50 0.15
C ALA C 362 58.41 4.83 -0.06
N ILE C 363 58.15 5.91 -0.79
CA ILE C 363 56.76 6.28 -1.08
C ILE C 363 56.00 5.16 -1.81
N MET C 364 56.67 4.46 -2.72
CA MET C 364 56.02 3.41 -3.50
C MET C 364 55.84 2.08 -2.74
N GLY C 365 56.43 1.93 -1.56
CA GLY C 365 56.22 0.68 -0.82
C GLY C 365 56.85 0.49 0.54
N SER C 366 58.13 0.84 0.68
CA SER C 366 58.86 0.68 1.95
C SER C 366 58.19 1.34 3.14
N ASN C 367 57.78 2.60 2.98
CA ASN C 367 57.05 3.27 4.07
C ASN C 367 55.89 2.42 4.54
N ALA C 368 55.00 2.05 3.61
CA ALA C 368 53.86 1.21 3.92
C ALA C 368 54.27 -0.11 4.61
N ILE C 369 55.31 -0.76 4.11
CA ILE C 369 55.77 -2.02 4.66
C ILE C 369 56.19 -1.88 6.12
N ARG C 370 56.93 -0.81 6.41
CA ARG C 370 57.44 -0.54 7.74
C ARG C 370 56.31 -0.13 8.70
N VAL C 371 55.50 0.83 8.26
CA VAL C 371 54.48 1.45 9.10
C VAL C 371 53.29 0.54 9.37
N LEU C 372 52.92 -0.26 8.38
CA LEU C 372 51.78 -1.15 8.54
C LEU C 372 52.21 -2.59 8.72
N ARG C 373 53.51 -2.81 8.98
CA ARG C 373 54.04 -4.15 9.23
C ARG C 373 53.49 -5.18 8.24
N LEU C 374 53.79 -5.00 6.96
CA LEU C 374 53.32 -5.92 5.93
C LEU C 374 54.34 -7.02 5.67
N GLU C 375 55.50 -6.92 6.33
CA GLU C 375 56.58 -7.88 6.18
C GLU C 375 56.48 -8.90 7.34
N GLU C 376 55.28 -9.02 7.89
CA GLU C 376 54.98 -9.98 8.97
C GLU C 376 53.67 -10.72 8.68
N LYS C 377 53.17 -11.45 9.68
CA LYS C 377 51.95 -12.29 9.56
C LYS C 377 52.00 -13.20 8.32
N ALA C 378 53.01 -14.08 8.27
CA ALA C 378 53.13 -15.03 7.16
C ALA C 378 53.03 -16.49 7.63
ZN ZN D . -6.57 -12.28 -6.56
ZN ZN E . -33.70 5.98 3.78
ZN ZN F . 38.96 6.34 -1.62
#